data_3NJW
# 
_entry.id   3NJW 
# 
_audit_conform.dict_name       mmcif_pdbx.dic 
_audit_conform.dict_version    5.399 
_audit_conform.dict_location   http://mmcif.pdb.org/dictionaries/ascii/mmcif_pdbx.dic 
# 
loop_
_database_2.database_id 
_database_2.database_code 
_database_2.pdbx_database_accession 
_database_2.pdbx_DOI 
PDB   3NJW         pdb_00003njw 10.2210/pdb3njw/pdb 
RCSB  RCSB059921   ?            ?                   
WWPDB D_1000059921 ?            ?                   
# 
loop_
_pdbx_audit_revision_history.ordinal 
_pdbx_audit_revision_history.data_content_type 
_pdbx_audit_revision_history.major_revision 
_pdbx_audit_revision_history.minor_revision 
_pdbx_audit_revision_history.revision_date 
1 'Structure model' 1 0 2010-09-01 
2 'Structure model' 1 1 2011-07-13 
3 'Structure model' 1 2 2011-08-10 
4 'Structure model' 1 3 2024-11-20 
# 
_pdbx_audit_revision_details.ordinal             1 
_pdbx_audit_revision_details.revision_ordinal    1 
_pdbx_audit_revision_details.data_content_type   'Structure model' 
_pdbx_audit_revision_details.provider            repository 
_pdbx_audit_revision_details.type                'Initial release' 
_pdbx_audit_revision_details.description         ? 
_pdbx_audit_revision_details.details             ? 
# 
loop_
_pdbx_audit_revision_group.ordinal 
_pdbx_audit_revision_group.revision_ordinal 
_pdbx_audit_revision_group.data_content_type 
_pdbx_audit_revision_group.group 
1 2 'Structure model' 'Version format compliance' 
2 3 'Structure model' 'Atomic model'              
3 3 'Structure model' 'Database references'       
4 4 'Structure model' 'Data collection'           
5 4 'Structure model' 'Database references'       
6 4 'Structure model' 'Derived calculations'      
7 4 'Structure model' 'Structure summary'         
# 
loop_
_pdbx_audit_revision_category.ordinal 
_pdbx_audit_revision_category.revision_ordinal 
_pdbx_audit_revision_category.data_content_type 
_pdbx_audit_revision_category.category 
1 4 'Structure model' chem_comp_atom            
2 4 'Structure model' chem_comp_bond            
3 4 'Structure model' database_2                
4 4 'Structure model' pdbx_entry_details        
5 4 'Structure model' pdbx_modification_feature 
6 4 'Structure model' struct_conn               
# 
loop_
_pdbx_audit_revision_item.ordinal 
_pdbx_audit_revision_item.revision_ordinal 
_pdbx_audit_revision_item.data_content_type 
_pdbx_audit_revision_item.item 
1 4 'Structure model' '_database_2.pdbx_DOI'                
2 4 'Structure model' '_database_2.pdbx_database_accession' 
3 4 'Structure model' '_struct_conn.pdbx_leaving_atom_flag' 
# 
_pdbx_database_status.status_code                     REL 
_pdbx_database_status.entry_id                        3NJW 
_pdbx_database_status.recvd_initial_deposition_date   2010-06-18 
_pdbx_database_status.deposit_site                    RCSB 
_pdbx_database_status.process_site                    RCSB 
_pdbx_database_status.status_code_sf                  REL 
_pdbx_database_status.status_code_mr                  ? 
_pdbx_database_status.SG_entry                        ? 
_pdbx_database_status.status_code_cs                  ? 
_pdbx_database_status.pdb_format_compatible           Y 
_pdbx_database_status.status_code_nmr_data            ? 
_pdbx_database_status.methods_development_category    ? 
# 
loop_
_audit_author.name 
_audit_author.pdbx_ordinal 
'Nar, H.'      1 
'Schmid, A.'   2 
'Puder, C.'    3 
'Potterat, O.' 4 
# 
_citation.id                        primary 
_citation.title                     'High-resolution crystal structure of a lasso Peptide.' 
_citation.journal_abbrev            Chemmedchem 
_citation.journal_volume            5 
_citation.page_first                1689 
_citation.page_last                 1692 
_citation.year                      2010 
_citation.journal_id_ASTM           ? 
_citation.country                   DE 
_citation.journal_id_ISSN           1860-7179 
_citation.journal_id_CSD            ? 
_citation.book_publisher            ? 
_citation.pdbx_database_id_PubMed   20665759 
_citation.pdbx_database_id_DOI      10.1002/cmdc.201000264 
# 
loop_
_citation_author.citation_id 
_citation_author.name 
_citation_author.ordinal 
_citation_author.identifier_ORCID 
primary 'Nar, H.'      1 ? 
primary 'Schmid, A.'   2 ? 
primary 'Puder, C.'    3 ? 
primary 'Potterat, O.' 4 ? 
# 
loop_
_entity.id 
_entity.type 
_entity.src_method 
_entity.pdbx_description 
_entity.formula_weight 
_entity.pdbx_number_of_molecules 
_entity.pdbx_ec 
_entity.pdbx_mutation 
_entity.pdbx_fragment 
_entity.details 
1 polymer man 'Bicyclic peptide BI-32169' 2057.310 1  ? ? ? ? 
2 water   nat water                       18.015   25 ? ? ? ? 
# 
_entity_poly.entity_id                      1 
_entity_poly.type                           'polypeptide(L)' 
_entity_poly.nstd_linkage                   no 
_entity_poly.nstd_monomer                   no 
_entity_poly.pdbx_seq_one_letter_code       GLPWGCPSDIPGWNTPWAC 
_entity_poly.pdbx_seq_one_letter_code_can   GLPWGCPSDIPGWNTPWAC 
_entity_poly.pdbx_strand_id                 A 
_entity_poly.pdbx_target_identifier         ? 
# 
_pdbx_entity_nonpoly.entity_id   2 
_pdbx_entity_nonpoly.name        water 
_pdbx_entity_nonpoly.comp_id     HOH 
# 
loop_
_entity_poly_seq.entity_id 
_entity_poly_seq.num 
_entity_poly_seq.mon_id 
_entity_poly_seq.hetero 
1 1  GLY n 
1 2  LEU n 
1 3  PRO n 
1 4  TRP n 
1 5  GLY n 
1 6  CYS n 
1 7  PRO n 
1 8  SER n 
1 9  ASP n 
1 10 ILE n 
1 11 PRO n 
1 12 GLY n 
1 13 TRP n 
1 14 ASN n 
1 15 THR n 
1 16 PRO n 
1 17 TRP n 
1 18 ALA n 
1 19 CYS n 
# 
_entity_src_gen.entity_id                          1 
_entity_src_gen.pdbx_src_id                        1 
_entity_src_gen.pdbx_alt_source_flag               sample 
_entity_src_gen.pdbx_seq_type                      ? 
_entity_src_gen.pdbx_beg_seq_num                   ? 
_entity_src_gen.pdbx_end_seq_num                   ? 
_entity_src_gen.gene_src_common_name               ? 
_entity_src_gen.gene_src_genus                     ? 
_entity_src_gen.pdbx_gene_src_gene                 ? 
_entity_src_gen.gene_src_species                   ? 
_entity_src_gen.gene_src_strain                    'DSM 14996' 
_entity_src_gen.gene_src_tissue                    ? 
_entity_src_gen.gene_src_tissue_fraction           ? 
_entity_src_gen.gene_src_details                   ? 
_entity_src_gen.pdbx_gene_src_fragment             ? 
_entity_src_gen.pdbx_gene_src_scientific_name      'Streptomyces sp.' 
_entity_src_gen.pdbx_gene_src_ncbi_taxonomy_id     1931 
_entity_src_gen.pdbx_gene_src_variant              ? 
_entity_src_gen.pdbx_gene_src_cell_line            ? 
_entity_src_gen.pdbx_gene_src_atcc                 ? 
_entity_src_gen.pdbx_gene_src_organ                ? 
_entity_src_gen.pdbx_gene_src_organelle            ? 
_entity_src_gen.pdbx_gene_src_cell                 ? 
_entity_src_gen.pdbx_gene_src_cellular_location    ? 
_entity_src_gen.host_org_common_name               ? 
_entity_src_gen.pdbx_host_org_scientific_name      'Streptomyces sp.' 
_entity_src_gen.pdbx_host_org_ncbi_taxonomy_id     1931 
_entity_src_gen.host_org_genus                     ? 
_entity_src_gen.pdbx_host_org_gene                 ? 
_entity_src_gen.pdbx_host_org_organ                ? 
_entity_src_gen.host_org_species                   ? 
_entity_src_gen.pdbx_host_org_tissue               ? 
_entity_src_gen.pdbx_host_org_tissue_fraction      ? 
_entity_src_gen.pdbx_host_org_strain               ? 
_entity_src_gen.pdbx_host_org_variant              ? 
_entity_src_gen.pdbx_host_org_cell_line            ? 
_entity_src_gen.pdbx_host_org_atcc                 ? 
_entity_src_gen.pdbx_host_org_culture_collection   ? 
_entity_src_gen.pdbx_host_org_cell                 ? 
_entity_src_gen.pdbx_host_org_organelle            ? 
_entity_src_gen.pdbx_host_org_cellular_location    ? 
_entity_src_gen.pdbx_host_org_vector_type          ? 
_entity_src_gen.pdbx_host_org_vector               ? 
_entity_src_gen.host_org_details                   ? 
_entity_src_gen.expression_system_id               ? 
_entity_src_gen.plasmid_name                       ? 
_entity_src_gen.plasmid_details                    ? 
_entity_src_gen.pdbx_description                   ? 
# 
loop_
_chem_comp.id 
_chem_comp.type 
_chem_comp.mon_nstd_flag 
_chem_comp.name 
_chem_comp.pdbx_synonyms 
_chem_comp.formula 
_chem_comp.formula_weight 
ALA 'L-peptide linking' y ALANINE         ? 'C3 H7 N O2'    89.093  
ASN 'L-peptide linking' y ASPARAGINE      ? 'C4 H8 N2 O3'   132.118 
ASP 'L-peptide linking' y 'ASPARTIC ACID' ? 'C4 H7 N O4'    133.103 
CYS 'L-peptide linking' y CYSTEINE        ? 'C3 H7 N O2 S'  121.158 
GLY 'peptide linking'   y GLYCINE         ? 'C2 H5 N O2'    75.067  
HOH non-polymer         . WATER           ? 'H2 O'          18.015  
ILE 'L-peptide linking' y ISOLEUCINE      ? 'C6 H13 N O2'   131.173 
LEU 'L-peptide linking' y LEUCINE         ? 'C6 H13 N O2'   131.173 
PRO 'L-peptide linking' y PROLINE         ? 'C5 H9 N O2'    115.130 
SER 'L-peptide linking' y SERINE          ? 'C3 H7 N O3'    105.093 
THR 'L-peptide linking' y THREONINE       ? 'C4 H9 N O3'    119.119 
TRP 'L-peptide linking' y TRYPTOPHAN      ? 'C11 H12 N2 O2' 204.225 
# 
loop_
_pdbx_poly_seq_scheme.asym_id 
_pdbx_poly_seq_scheme.entity_id 
_pdbx_poly_seq_scheme.seq_id 
_pdbx_poly_seq_scheme.mon_id 
_pdbx_poly_seq_scheme.ndb_seq_num 
_pdbx_poly_seq_scheme.pdb_seq_num 
_pdbx_poly_seq_scheme.auth_seq_num 
_pdbx_poly_seq_scheme.pdb_mon_id 
_pdbx_poly_seq_scheme.auth_mon_id 
_pdbx_poly_seq_scheme.pdb_strand_id 
_pdbx_poly_seq_scheme.pdb_ins_code 
_pdbx_poly_seq_scheme.hetero 
A 1 1  GLY 1  1  1  GLY GLY A . n 
A 1 2  LEU 2  2  2  LEU LEU A . n 
A 1 3  PRO 3  3  3  PRO PRO A . n 
A 1 4  TRP 4  4  4  TRP TRP A . n 
A 1 5  GLY 5  5  5  GLY GLY A . n 
A 1 6  CYS 6  6  6  CYS CYS A . n 
A 1 7  PRO 7  7  7  PRO PRO A . n 
A 1 8  SER 8  8  8  SER SER A . n 
A 1 9  ASP 9  9  9  ASP ASP A . n 
A 1 10 ILE 10 10 10 ILE ILE A . n 
A 1 11 PRO 11 11 11 PRO PRO A . n 
A 1 12 GLY 12 12 12 GLY GLY A . n 
A 1 13 TRP 13 13 13 TRP TRP A . n 
A 1 14 ASN 14 14 14 ASN ASN A . n 
A 1 15 THR 15 15 15 THR THR A . n 
A 1 16 PRO 16 16 16 PRO PRO A . n 
A 1 17 TRP 17 17 17 TRP TRP A . n 
A 1 18 ALA 18 18 18 ALA ALA A . n 
A 1 19 CYS 19 19 19 CYS CYS A . n 
# 
loop_
_pdbx_nonpoly_scheme.asym_id 
_pdbx_nonpoly_scheme.entity_id 
_pdbx_nonpoly_scheme.mon_id 
_pdbx_nonpoly_scheme.ndb_seq_num 
_pdbx_nonpoly_scheme.pdb_seq_num 
_pdbx_nonpoly_scheme.auth_seq_num 
_pdbx_nonpoly_scheme.pdb_mon_id 
_pdbx_nonpoly_scheme.auth_mon_id 
_pdbx_nonpoly_scheme.pdb_strand_id 
_pdbx_nonpoly_scheme.pdb_ins_code 
B 2 HOH 1  1001 1001 HOH HOH A . 
B 2 HOH 2  1002 1002 HOH HOH A . 
B 2 HOH 3  1003 1003 HOH HOH A . 
B 2 HOH 4  1004 1004 HOH HOH A . 
B 2 HOH 5  1005 1005 HOH HOH A . 
B 2 HOH 6  1006 1006 HOH HOH A . 
B 2 HOH 7  1007 1007 HOH HOH A . 
B 2 HOH 8  1008 1008 HOH HOH A . 
B 2 HOH 9  1009 1009 HOH HOH A . 
B 2 HOH 10 1010 1010 HOH HOH A . 
B 2 HOH 11 1011 1011 HOH HOH A . 
B 2 HOH 12 1012 1012 HOH HOH A . 
B 2 HOH 13 1013 1013 HOH HOH A . 
B 2 HOH 14 1014 1014 HOH HOH A . 
B 2 HOH 15 1016 1016 HOH HOH A . 
B 2 HOH 16 1017 1017 HOH HOH A . 
B 2 HOH 17 1018 1018 HOH HOH A . 
B 2 HOH 18 1019 1019 HOH HOH A . 
B 2 HOH 19 1020 1020 HOH HOH A . 
B 2 HOH 20 1106 1106 HOH HOH A . 
B 2 HOH 21 1112 1112 HOH HOH A . 
B 2 HOH 22 1113 1113 HOH HOH A . 
B 2 HOH 23 1114 1114 HOH HOH A . 
B 2 HOH 24 1117 1117 HOH HOH A . 
B 2 HOH 25 1118 1118 HOH HOH A . 
# 
loop_
_software.name 
_software.classification 
_software.version 
_software.citation_id 
_software.pdbx_ordinal 
StructureStudio 'data collection' . ? 1 
SHELXD          phasing           . ? 2 
SHELXL-97       refinement        . ? 3 
d*TREK          'data reduction'  . ? 4 
d*TREK          'data scaling'    . ? 5 
# 
_cell.entry_id           3NJW 
_cell.length_a           19.465 
_cell.length_b           21.432 
_cell.length_c           29.523 
_cell.angle_alpha        90.00 
_cell.angle_beta         90.00 
_cell.angle_gamma        90.00 
_cell.Z_PDB              4 
_cell.pdbx_unique_axis   ? 
_cell.length_a_esd       ? 
_cell.length_b_esd       ? 
_cell.length_c_esd       ? 
_cell.angle_alpha_esd    ? 
_cell.angle_beta_esd     ? 
_cell.angle_gamma_esd    ? 
# 
_symmetry.entry_id                         3NJW 
_symmetry.space_group_name_H-M             'P 21 21 21' 
_symmetry.pdbx_full_space_group_name_H-M   ? 
_symmetry.cell_setting                     ? 
_symmetry.Int_Tables_number                19 
_symmetry.space_group_name_Hall            ? 
# 
_exptl.entry_id          3NJW 
_exptl.method            'X-RAY DIFFRACTION' 
_exptl.crystals_number   1 
# 
_exptl_crystal.id                    1 
_exptl_crystal.density_meas          ? 
_exptl_crystal.density_Matthews      1.50 
_exptl_crystal.density_percent_sol   17.82 
_exptl_crystal.description           ? 
_exptl_crystal.F_000                 ? 
_exptl_crystal.preparation           ? 
# 
_exptl_crystal_grow.crystal_id      1 
_exptl_crystal_grow.method          'VAPOR DIFFUSION, HANGING DROP' 
_exptl_crystal_grow.temp            293 
_exptl_crystal_grow.temp_details    ? 
_exptl_crystal_grow.pH              8.5 
_exptl_crystal_grow.pdbx_details    
;BI-32169 peptide in 50% DMSO/water mixture equilibrated against 20-50% MPD, 0.1-0.5M sodium phosphate or ammonium sulphate, 0.1M Tris HCl, pH 8.5, VAPOR DIFFUSION, HANGING DROP, temperature 293K
;
_exptl_crystal_grow.pdbx_pH_range   ? 
# 
_diffrn.id                     1 
_diffrn.ambient_temp           100 
_diffrn.ambient_temp_details   ? 
_diffrn.crystal_id             1 
# 
_diffrn_detector.diffrn_id              1 
_diffrn_detector.detector               CCD 
_diffrn_detector.type                   'RIGAKU SATURN 944' 
_diffrn_detector.pdbx_collection_date   2006-10-25 
_diffrn_detector.details                'multilayer optics' 
# 
_diffrn_radiation.diffrn_id                        1 
_diffrn_radiation.wavelength_id                    1 
_diffrn_radiation.pdbx_monochromatic_or_laue_m_l   M 
_diffrn_radiation.monochromator                    'multilayer optics' 
_diffrn_radiation.pdbx_diffrn_protocol             'SINGLE WAVELENGTH' 
_diffrn_radiation.pdbx_scattering_type             x-ray 
# 
_diffrn_radiation_wavelength.id           1 
_diffrn_radiation_wavelength.wavelength   1.54 
_diffrn_radiation_wavelength.wt           1.0 
# 
_diffrn_source.diffrn_id                   1 
_diffrn_source.source                      'ROTATING ANODE' 
_diffrn_source.type                        'RIGAKU RU300' 
_diffrn_source.pdbx_synchrotron_site       ? 
_diffrn_source.pdbx_synchrotron_beamline   ? 
_diffrn_source.pdbx_wavelength             ? 
_diffrn_source.pdbx_wavelength_list        1.54 
# 
_reflns.entry_id                     3NJW 
_reflns.observed_criterion_sigma_I   ? 
_reflns.observed_criterion_sigma_F   ? 
_reflns.d_resolution_low             8.94 
_reflns.d_resolution_high            0.86 
_reflns.number_obs                   19602 
_reflns.number_all                   19700 
_reflns.percent_possible_obs         98.7 
_reflns.pdbx_Rmerge_I_obs            0.076 
_reflns.pdbx_Rsym_value              ? 
_reflns.pdbx_netI_over_sigmaI        16.0 
_reflns.B_iso_Wilson_estimate        ? 
_reflns.pdbx_redundancy              7.1 
_reflns.R_free_details               ? 
_reflns.limit_h_max                  ? 
_reflns.limit_h_min                  ? 
_reflns.limit_k_max                  ? 
_reflns.limit_k_min                  ? 
_reflns.limit_l_max                  ? 
_reflns.limit_l_min                  ? 
_reflns.observed_criterion_F_max     ? 
_reflns.observed_criterion_F_min     ? 
_reflns.pdbx_chi_squared             ? 
_reflns.pdbx_scaling_rejects         ? 
_reflns.pdbx_ordinal                 1 
_reflns.pdbx_diffrn_id               1 
# 
_reflns_shell.d_res_high             0.86 
_reflns_shell.d_res_low              0.90 
_reflns_shell.percent_possible_all   87.2 
_reflns_shell.Rmerge_I_obs           0.41 
_reflns_shell.pdbx_Rsym_value        ? 
_reflns_shell.meanI_over_sigI_obs    2.1 
_reflns_shell.pdbx_redundancy        ? 
_reflns_shell.percent_possible_obs   ? 
_reflns_shell.number_unique_all      ? 
_reflns_shell.number_measured_all    ? 
_reflns_shell.number_measured_obs    ? 
_reflns_shell.number_unique_obs      ? 
_reflns_shell.pdbx_chi_squared       ? 
_reflns_shell.pdbx_ordinal           1 
_reflns_shell.pdbx_diffrn_id         1 
# 
_refine.entry_id                                 3NJW 
_refine.ls_number_reflns_obs                     16628 
_refine.ls_number_reflns_all                     19602 
_refine.pdbx_ls_sigma_I                          ? 
_refine.pdbx_ls_sigma_F                          4 
_refine.pdbx_data_cutoff_high_absF               ? 
_refine.pdbx_data_cutoff_low_absF                ? 
_refine.pdbx_data_cutoff_high_rms_absF           ? 
_refine.ls_d_res_low                             8.94 
_refine.ls_d_res_high                            0.86 
_refine.ls_percent_reflns_obs                    98.7 
_refine.ls_R_factor_obs                          0.0938 
_refine.ls_R_factor_all                          0.1055 
_refine.ls_R_factor_R_work                       ? 
_refine.ls_R_factor_R_free                       ? 
_refine.ls_R_factor_R_free_error                 ? 
_refine.ls_R_factor_R_free_error_details         ? 
_refine.ls_percent_reflns_R_free                 ? 
_refine.ls_number_reflns_R_free                  ? 
_refine.ls_number_parameters                     1443 
_refine.ls_number_restraints                     0 
_refine.occupancy_min                            ? 
_refine.occupancy_max                            ? 
_refine.correlation_coeff_Fo_to_Fc               ? 
_refine.correlation_coeff_Fo_to_Fc_free          ? 
_refine.B_iso_mean                               ? 
_refine.aniso_B[1][1]                            ? 
_refine.aniso_B[2][2]                            ? 
_refine.aniso_B[3][3]                            ? 
_refine.aniso_B[1][2]                            ? 
_refine.aniso_B[1][3]                            ? 
_refine.aniso_B[2][3]                            ? 
_refine.solvent_model_details                    ? 
_refine.solvent_model_param_ksol                 ? 
_refine.solvent_model_param_bsol                 ? 
_refine.pdbx_solvent_vdw_probe_radii             ? 
_refine.pdbx_solvent_ion_probe_radii             ? 
_refine.pdbx_solvent_shrinkage_radii             ? 
_refine.pdbx_ls_cross_valid_method               THROUGHOUT 
_refine.details                                  ? 
_refine.pdbx_starting_model                      ? 
_refine.pdbx_method_to_determine_struct          'AB INITIO' 
_refine.pdbx_isotropic_thermal_model             ? 
_refine.pdbx_stereochemistry_target_values       ? 
_refine.pdbx_stereochem_target_val_spec_case     ? 
_refine.pdbx_R_Free_selection_details            RANDOM 
_refine.pdbx_overall_ESU_R_Free                  ? 
_refine.overall_SU_ML                            ? 
_refine.overall_SU_B                             ? 
_refine.overall_SU_R_Cruickshank_DPI             ? 
_refine.ls_redundancy_reflns_obs                 ? 
_refine.B_iso_min                                ? 
_refine.B_iso_max                                ? 
_refine.overall_SU_R_free                        ? 
_refine.ls_wR_factor_R_free                      ? 
_refine.ls_wR_factor_R_work                      ? 
_refine.overall_FOM_free_R_set                   ? 
_refine.overall_FOM_work_R_set                   ? 
_refine.pdbx_overall_phase_error                 ? 
_refine.pdbx_refine_id                           'X-RAY DIFFRACTION' 
_refine.pdbx_diffrn_id                           1 
_refine.pdbx_overall_ESU_R                       ? 
_refine.pdbx_TLS_residual_ADP_flag               ? 
_refine.pdbx_overall_SU_R_free_Cruickshank_DPI   ? 
_refine.pdbx_overall_SU_R_Blow_DPI               ? 
_refine.pdbx_overall_SU_R_free_Blow_DPI          ? 
# 
_refine_analyze.entry_id                        3NJW 
_refine_analyze.Luzzati_coordinate_error_obs    ? 
_refine_analyze.Luzzati_sigma_a_obs             ? 
_refine_analyze.Luzzati_d_res_low_obs           ? 
_refine_analyze.Luzzati_coordinate_error_free   ? 
_refine_analyze.Luzzati_sigma_a_free            ? 
_refine_analyze.Luzzati_d_res_low_free          ? 
_refine_analyze.number_disordered_residues      0 
_refine_analyze.occupancy_sum_hydrogen          124.00 
_refine_analyze.occupancy_sum_non_hydrogen      161.00 
_refine_analyze.pdbx_Luzzati_d_res_high_obs     ? 
_refine_analyze.pdbx_refine_id                  'X-RAY DIFFRACTION' 
# 
_refine_hist.pdbx_refine_id                   'X-RAY DIFFRACTION' 
_refine_hist.cycle_id                         LAST 
_refine_hist.pdbx_number_atoms_protein        144 
_refine_hist.pdbx_number_atoms_nucleic_acid   0 
_refine_hist.pdbx_number_atoms_ligand         0 
_refine_hist.number_atoms_solvent             25 
_refine_hist.number_atoms_total               169 
_refine_hist.d_res_high                       0.86 
_refine_hist.d_res_low                        8.94 
# 
_refine_ls_shell.pdbx_total_number_of_bins_used   ? 
_refine_ls_shell.d_res_high                       0.86 
_refine_ls_shell.d_res_low                        ? 
_refine_ls_shell.number_reflns_R_work             ? 
_refine_ls_shell.R_factor_R_work                  ? 
_refine_ls_shell.percent_reflns_obs               ? 
_refine_ls_shell.R_factor_R_free                  ? 
_refine_ls_shell.R_factor_R_free_error            ? 
_refine_ls_shell.percent_reflns_R_free            ? 
_refine_ls_shell.number_reflns_R_free             ? 
_refine_ls_shell.number_reflns_all                ? 
_refine_ls_shell.R_factor_all                     ? 
_refine_ls_shell.number_reflns_obs                16628 
_refine_ls_shell.redundancy_reflns_obs            ? 
_refine_ls_shell.pdbx_refine_id                   'X-RAY DIFFRACTION' 
# 
_pdbx_refine.pdbx_refine_id                              'X-RAY DIFFRACTION' 
_pdbx_refine.entry_id                                    3NJW 
_pdbx_refine.R_factor_all_no_cutoff                      0.1055 
_pdbx_refine.R_factor_obs_no_cutoff                      ? 
_pdbx_refine.free_R_factor_no_cutoff                     ? 
_pdbx_refine.free_R_error_no_cutoff                      ? 
_pdbx_refine.free_R_val_test_set_size_perc_no_cutoff     ? 
_pdbx_refine.free_R_val_test_set_ct_no_cutoff            ? 
_pdbx_refine.R_factor_all_4sig_cutoff                    0.0938 
_pdbx_refine.R_factor_obs_4sig_cutoff                    ? 
_pdbx_refine.free_R_factor_4sig_cutoff                   ? 
_pdbx_refine.free_R_val_test_set_size_perc_4sig_cutoff   ? 
_pdbx_refine.free_R_val_test_set_ct_4sig_cutoff          ? 
_pdbx_refine.number_reflns_obs_4sig_cutoff               16628 
# 
_struct.entry_id                  3NJW 
_struct.title                     'First High Resolution Crystal Structure of a Lasso Peptide' 
_struct.pdbx_model_details        ? 
_struct.pdbx_CASP_flag            ? 
_struct.pdbx_model_type_details   ? 
# 
_struct_keywords.entry_id        3NJW 
_struct_keywords.pdbx_keywords   'ANTIMICROBIAL PROTEIN' 
_struct_keywords.text            
'lasso peptide, lariat, protoknot, BI-32169, glucagon receptor antagonist, microbial peptide, ANTIMICROBIAL PROTEIN' 
# 
loop_
_struct_asym.id 
_struct_asym.pdbx_blank_PDB_chainid_flag 
_struct_asym.pdbx_modified 
_struct_asym.entity_id 
_struct_asym.details 
A N N 1 ? 
B N N 2 ? 
# 
_struct_ref.id                         1 
_struct_ref.db_name                    PDB 
_struct_ref.db_code                    3NJW 
_struct_ref.pdbx_db_accession          3NJW 
_struct_ref.entity_id                  1 
_struct_ref.pdbx_align_begin           ? 
_struct_ref.pdbx_seq_one_letter_code   GLPWGCPSDIPGWNTPWAC 
_struct_ref.pdbx_db_isoform            ? 
# 
_struct_ref_seq.align_id                      1 
_struct_ref_seq.ref_id                        1 
_struct_ref_seq.pdbx_PDB_id_code              3NJW 
_struct_ref_seq.pdbx_strand_id                A 
_struct_ref_seq.seq_align_beg                 1 
_struct_ref_seq.pdbx_seq_align_beg_ins_code   ? 
_struct_ref_seq.seq_align_end                 19 
_struct_ref_seq.pdbx_seq_align_end_ins_code   ? 
_struct_ref_seq.pdbx_db_accession             3NJW 
_struct_ref_seq.db_align_beg                  1 
_struct_ref_seq.pdbx_db_align_beg_ins_code    ? 
_struct_ref_seq.db_align_end                  19 
_struct_ref_seq.pdbx_db_align_end_ins_code    ? 
_struct_ref_seq.pdbx_auth_seq_align_beg       1 
_struct_ref_seq.pdbx_auth_seq_align_end       19 
# 
_pdbx_struct_assembly.id                   1 
_pdbx_struct_assembly.details              author_and_software_defined_assembly 
_pdbx_struct_assembly.method_details       PISA 
_pdbx_struct_assembly.oligomeric_details   monomeric 
_pdbx_struct_assembly.oligomeric_count     1 
# 
_pdbx_struct_assembly_gen.assembly_id       1 
_pdbx_struct_assembly_gen.oper_expression   1 
_pdbx_struct_assembly_gen.asym_id_list      A,B 
# 
_pdbx_struct_oper_list.id                   1 
_pdbx_struct_oper_list.type                 'identity operation' 
_pdbx_struct_oper_list.name                 1_555 
_pdbx_struct_oper_list.symmetry_operation   x,y,z 
_pdbx_struct_oper_list.matrix[1][1]         1.0000000000 
_pdbx_struct_oper_list.matrix[1][2]         0.0000000000 
_pdbx_struct_oper_list.matrix[1][3]         0.0000000000 
_pdbx_struct_oper_list.vector[1]            0.0000000000 
_pdbx_struct_oper_list.matrix[2][1]         0.0000000000 
_pdbx_struct_oper_list.matrix[2][2]         1.0000000000 
_pdbx_struct_oper_list.matrix[2][3]         0.0000000000 
_pdbx_struct_oper_list.vector[2]            0.0000000000 
_pdbx_struct_oper_list.matrix[3][1]         0.0000000000 
_pdbx_struct_oper_list.matrix[3][2]         0.0000000000 
_pdbx_struct_oper_list.matrix[3][3]         1.0000000000 
_pdbx_struct_oper_list.vector[3]            0.0000000000 
# 
_struct_biol.id        1 
_struct_biol.details   ? 
# 
_struct_conf.conf_type_id            HELX_P 
_struct_conf.id                      HELX_P1 
_struct_conf.pdbx_PDB_helix_id       1 
_struct_conf.beg_label_comp_id       PRO 
_struct_conf.beg_label_asym_id       A 
_struct_conf.beg_label_seq_id        16 
_struct_conf.pdbx_beg_PDB_ins_code   ? 
_struct_conf.end_label_comp_id       CYS 
_struct_conf.end_label_asym_id       A 
_struct_conf.end_label_seq_id        19 
_struct_conf.pdbx_end_PDB_ins_code   ? 
_struct_conf.beg_auth_comp_id        PRO 
_struct_conf.beg_auth_asym_id        A 
_struct_conf.beg_auth_seq_id         16 
_struct_conf.end_auth_comp_id        CYS 
_struct_conf.end_auth_asym_id        A 
_struct_conf.end_auth_seq_id         19 
_struct_conf.pdbx_PDB_helix_class    5 
_struct_conf.details                 ? 
_struct_conf.pdbx_PDB_helix_length   4 
# 
_struct_conf_type.id          HELX_P 
_struct_conf_type.criteria    ? 
_struct_conf_type.reference   ? 
# 
loop_
_struct_conn.id 
_struct_conn.conn_type_id 
_struct_conn.pdbx_leaving_atom_flag 
_struct_conn.pdbx_PDB_id 
_struct_conn.ptnr1_label_asym_id 
_struct_conn.ptnr1_label_comp_id 
_struct_conn.ptnr1_label_seq_id 
_struct_conn.ptnr1_label_atom_id 
_struct_conn.pdbx_ptnr1_label_alt_id 
_struct_conn.pdbx_ptnr1_PDB_ins_code 
_struct_conn.pdbx_ptnr1_standard_comp_id 
_struct_conn.ptnr1_symmetry 
_struct_conn.ptnr2_label_asym_id 
_struct_conn.ptnr2_label_comp_id 
_struct_conn.ptnr2_label_seq_id 
_struct_conn.ptnr2_label_atom_id 
_struct_conn.pdbx_ptnr2_label_alt_id 
_struct_conn.pdbx_ptnr2_PDB_ins_code 
_struct_conn.ptnr1_auth_asym_id 
_struct_conn.ptnr1_auth_comp_id 
_struct_conn.ptnr1_auth_seq_id 
_struct_conn.ptnr2_auth_asym_id 
_struct_conn.ptnr2_auth_comp_id 
_struct_conn.ptnr2_auth_seq_id 
_struct_conn.ptnr2_symmetry 
_struct_conn.pdbx_ptnr3_label_atom_id 
_struct_conn.pdbx_ptnr3_label_seq_id 
_struct_conn.pdbx_ptnr3_label_comp_id 
_struct_conn.pdbx_ptnr3_label_asym_id 
_struct_conn.pdbx_ptnr3_label_alt_id 
_struct_conn.pdbx_ptnr3_PDB_ins_code 
_struct_conn.details 
_struct_conn.pdbx_dist_value 
_struct_conn.pdbx_value_order 
_struct_conn.pdbx_role 
disulf1 disulf ?   ? A CYS 6 SG ? ? ? 1_555 A CYS 19 SG ? ? A CYS 6 A CYS 19 1_555 ? ? ? ? ? ? ? 2.031 ? ? 
covale1 covale one ? A GLY 1 N  ? ? ? 1_555 A ASP 9  CG ? ? A GLY 1 A ASP 9  1_555 ? ? ? ? ? ? ? 1.338 ? ? 
# 
loop_
_struct_conn_type.id 
_struct_conn_type.criteria 
_struct_conn_type.reference 
disulf ? ? 
covale ? ? 
# 
loop_
_pdbx_modification_feature.ordinal 
_pdbx_modification_feature.label_comp_id 
_pdbx_modification_feature.label_asym_id 
_pdbx_modification_feature.label_seq_id 
_pdbx_modification_feature.label_alt_id 
_pdbx_modification_feature.modified_residue_label_comp_id 
_pdbx_modification_feature.modified_residue_label_asym_id 
_pdbx_modification_feature.modified_residue_label_seq_id 
_pdbx_modification_feature.modified_residue_label_alt_id 
_pdbx_modification_feature.auth_comp_id 
_pdbx_modification_feature.auth_asym_id 
_pdbx_modification_feature.auth_seq_id 
_pdbx_modification_feature.PDB_ins_code 
_pdbx_modification_feature.symmetry 
_pdbx_modification_feature.modified_residue_auth_comp_id 
_pdbx_modification_feature.modified_residue_auth_asym_id 
_pdbx_modification_feature.modified_residue_auth_seq_id 
_pdbx_modification_feature.modified_residue_PDB_ins_code 
_pdbx_modification_feature.modified_residue_symmetry 
_pdbx_modification_feature.comp_id_linking_atom 
_pdbx_modification_feature.modified_residue_id_linking_atom 
_pdbx_modification_feature.modified_residue_id 
_pdbx_modification_feature.ref_pcm_id 
_pdbx_modification_feature.ref_comp_id 
_pdbx_modification_feature.type 
_pdbx_modification_feature.category 
1 CYS A 6 ? CYS A 19 ? CYS A 6 ? 1_555 CYS A 19 ? 1_555 SG SG . . . None 'Disulfide bridge' 
2 GLY A 1 ? ASP A 9  ? GLY A 1 ? 1_555 ASP A 9  ? 1_555 N  CG . . . None 'Isopeptide bond'  
# 
_struct_mon_prot_cis.pdbx_id                1 
_struct_mon_prot_cis.label_comp_id          PRO 
_struct_mon_prot_cis.label_seq_id           7 
_struct_mon_prot_cis.label_asym_id          A 
_struct_mon_prot_cis.label_alt_id           . 
_struct_mon_prot_cis.pdbx_PDB_ins_code      ? 
_struct_mon_prot_cis.auth_comp_id           PRO 
_struct_mon_prot_cis.auth_seq_id            7 
_struct_mon_prot_cis.auth_asym_id           A 
_struct_mon_prot_cis.pdbx_label_comp_id_2   SER 
_struct_mon_prot_cis.pdbx_label_seq_id_2    8 
_struct_mon_prot_cis.pdbx_label_asym_id_2   A 
_struct_mon_prot_cis.pdbx_PDB_ins_code_2    ? 
_struct_mon_prot_cis.pdbx_auth_comp_id_2    SER 
_struct_mon_prot_cis.pdbx_auth_seq_id_2     8 
_struct_mon_prot_cis.pdbx_auth_asym_id_2    A 
_struct_mon_prot_cis.pdbx_PDB_model_num     1 
_struct_mon_prot_cis.pdbx_omega_angle       -3.99 
# 
_struct_sheet.id               A 
_struct_sheet.type             ? 
_struct_sheet.number_strands   2 
_struct_sheet.details          ? 
# 
_struct_sheet_order.sheet_id     A 
_struct_sheet_order.range_id_1   1 
_struct_sheet_order.range_id_2   2 
_struct_sheet_order.offset       ? 
_struct_sheet_order.sense        anti-parallel 
# 
loop_
_struct_sheet_range.sheet_id 
_struct_sheet_range.id 
_struct_sheet_range.beg_label_comp_id 
_struct_sheet_range.beg_label_asym_id 
_struct_sheet_range.beg_label_seq_id 
_struct_sheet_range.pdbx_beg_PDB_ins_code 
_struct_sheet_range.end_label_comp_id 
_struct_sheet_range.end_label_asym_id 
_struct_sheet_range.end_label_seq_id 
_struct_sheet_range.pdbx_end_PDB_ins_code 
_struct_sheet_range.beg_auth_comp_id 
_struct_sheet_range.beg_auth_asym_id 
_struct_sheet_range.beg_auth_seq_id 
_struct_sheet_range.end_auth_comp_id 
_struct_sheet_range.end_auth_asym_id 
_struct_sheet_range.end_auth_seq_id 
A 1 CYS A 6  ? PRO A 7  ? CYS A 6  PRO A 7  
A 2 ASN A 14 ? THR A 15 ? ASN A 14 THR A 15 
# 
_pdbx_struct_sheet_hbond.sheet_id                A 
_pdbx_struct_sheet_hbond.range_id_1              1 
_pdbx_struct_sheet_hbond.range_id_2              2 
_pdbx_struct_sheet_hbond.range_1_label_atom_id   N 
_pdbx_struct_sheet_hbond.range_1_label_comp_id   CYS 
_pdbx_struct_sheet_hbond.range_1_label_asym_id   A 
_pdbx_struct_sheet_hbond.range_1_label_seq_id    6 
_pdbx_struct_sheet_hbond.range_1_PDB_ins_code    ? 
_pdbx_struct_sheet_hbond.range_1_auth_atom_id    N 
_pdbx_struct_sheet_hbond.range_1_auth_comp_id    CYS 
_pdbx_struct_sheet_hbond.range_1_auth_asym_id    A 
_pdbx_struct_sheet_hbond.range_1_auth_seq_id     6 
_pdbx_struct_sheet_hbond.range_2_label_atom_id   O 
_pdbx_struct_sheet_hbond.range_2_label_comp_id   THR 
_pdbx_struct_sheet_hbond.range_2_label_asym_id   A 
_pdbx_struct_sheet_hbond.range_2_label_seq_id    15 
_pdbx_struct_sheet_hbond.range_2_PDB_ins_code    ? 
_pdbx_struct_sheet_hbond.range_2_auth_atom_id    O 
_pdbx_struct_sheet_hbond.range_2_auth_comp_id    THR 
_pdbx_struct_sheet_hbond.range_2_auth_asym_id    A 
_pdbx_struct_sheet_hbond.range_2_auth_seq_id     15 
# 
_pdbx_entry_details.entry_id                   3NJW 
_pdbx_entry_details.compound_details           ? 
_pdbx_entry_details.source_details             ? 
_pdbx_entry_details.nonpolymer_details         ? 
_pdbx_entry_details.sequence_details           ? 
_pdbx_entry_details.has_ligand_of_interest     ? 
_pdbx_entry_details.has_protein_modification   Y 
# 
_pdbx_validate_torsion.id              1 
_pdbx_validate_torsion.PDB_model_num   1 
_pdbx_validate_torsion.auth_comp_id    TRP 
_pdbx_validate_torsion.auth_asym_id    A 
_pdbx_validate_torsion.auth_seq_id     13 
_pdbx_validate_torsion.PDB_ins_code    ? 
_pdbx_validate_torsion.label_alt_id    ? 
_pdbx_validate_torsion.phi             -84.95 
_pdbx_validate_torsion.psi             -146.88 
# 
loop_
_chem_comp_atom.comp_id 
_chem_comp_atom.atom_id 
_chem_comp_atom.type_symbol 
_chem_comp_atom.pdbx_aromatic_flag 
_chem_comp_atom.pdbx_stereo_config 
_chem_comp_atom.pdbx_ordinal 
ALA N    N N N 1   
ALA CA   C N S 2   
ALA C    C N N 3   
ALA O    O N N 4   
ALA CB   C N N 5   
ALA OXT  O N N 6   
ALA H    H N N 7   
ALA H2   H N N 8   
ALA HA   H N N 9   
ALA HB1  H N N 10  
ALA HB2  H N N 11  
ALA HB3  H N N 12  
ALA HXT  H N N 13  
ASN N    N N N 14  
ASN CA   C N S 15  
ASN C    C N N 16  
ASN O    O N N 17  
ASN CB   C N N 18  
ASN CG   C N N 19  
ASN OD1  O N N 20  
ASN ND2  N N N 21  
ASN OXT  O N N 22  
ASN H    H N N 23  
ASN H2   H N N 24  
ASN HA   H N N 25  
ASN HB2  H N N 26  
ASN HB3  H N N 27  
ASN HD21 H N N 28  
ASN HD22 H N N 29  
ASN HXT  H N N 30  
ASP N    N N N 31  
ASP CA   C N S 32  
ASP C    C N N 33  
ASP O    O N N 34  
ASP CB   C N N 35  
ASP CG   C N N 36  
ASP OD1  O N N 37  
ASP OD2  O N N 38  
ASP OXT  O N N 39  
ASP H    H N N 40  
ASP H2   H N N 41  
ASP HA   H N N 42  
ASP HB2  H N N 43  
ASP HB3  H N N 44  
ASP HD2  H N N 45  
ASP HXT  H N N 46  
CYS N    N N N 47  
CYS CA   C N R 48  
CYS C    C N N 49  
CYS O    O N N 50  
CYS CB   C N N 51  
CYS SG   S N N 52  
CYS OXT  O N N 53  
CYS H    H N N 54  
CYS H2   H N N 55  
CYS HA   H N N 56  
CYS HB2  H N N 57  
CYS HB3  H N N 58  
CYS HG   H N N 59  
CYS HXT  H N N 60  
GLY N    N N N 61  
GLY CA   C N N 62  
GLY C    C N N 63  
GLY O    O N N 64  
GLY OXT  O N N 65  
GLY H    H N N 66  
GLY H2   H N N 67  
GLY HA2  H N N 68  
GLY HA3  H N N 69  
GLY HXT  H N N 70  
HOH O    O N N 71  
HOH H1   H N N 72  
HOH H2   H N N 73  
ILE N    N N N 74  
ILE CA   C N S 75  
ILE C    C N N 76  
ILE O    O N N 77  
ILE CB   C N S 78  
ILE CG1  C N N 79  
ILE CG2  C N N 80  
ILE CD1  C N N 81  
ILE OXT  O N N 82  
ILE H    H N N 83  
ILE H2   H N N 84  
ILE HA   H N N 85  
ILE HB   H N N 86  
ILE HG12 H N N 87  
ILE HG13 H N N 88  
ILE HG21 H N N 89  
ILE HG22 H N N 90  
ILE HG23 H N N 91  
ILE HD11 H N N 92  
ILE HD12 H N N 93  
ILE HD13 H N N 94  
ILE HXT  H N N 95  
LEU N    N N N 96  
LEU CA   C N S 97  
LEU C    C N N 98  
LEU O    O N N 99  
LEU CB   C N N 100 
LEU CG   C N N 101 
LEU CD1  C N N 102 
LEU CD2  C N N 103 
LEU OXT  O N N 104 
LEU H    H N N 105 
LEU H2   H N N 106 
LEU HA   H N N 107 
LEU HB2  H N N 108 
LEU HB3  H N N 109 
LEU HG   H N N 110 
LEU HD11 H N N 111 
LEU HD12 H N N 112 
LEU HD13 H N N 113 
LEU HD21 H N N 114 
LEU HD22 H N N 115 
LEU HD23 H N N 116 
LEU HXT  H N N 117 
PRO N    N N N 118 
PRO CA   C N S 119 
PRO C    C N N 120 
PRO O    O N N 121 
PRO CB   C N N 122 
PRO CG   C N N 123 
PRO CD   C N N 124 
PRO OXT  O N N 125 
PRO H    H N N 126 
PRO HA   H N N 127 
PRO HB2  H N N 128 
PRO HB3  H N N 129 
PRO HG2  H N N 130 
PRO HG3  H N N 131 
PRO HD2  H N N 132 
PRO HD3  H N N 133 
PRO HXT  H N N 134 
SER N    N N N 135 
SER CA   C N S 136 
SER C    C N N 137 
SER O    O N N 138 
SER CB   C N N 139 
SER OG   O N N 140 
SER OXT  O N N 141 
SER H    H N N 142 
SER H2   H N N 143 
SER HA   H N N 144 
SER HB2  H N N 145 
SER HB3  H N N 146 
SER HG   H N N 147 
SER HXT  H N N 148 
THR N    N N N 149 
THR CA   C N S 150 
THR C    C N N 151 
THR O    O N N 152 
THR CB   C N R 153 
THR OG1  O N N 154 
THR CG2  C N N 155 
THR OXT  O N N 156 
THR H    H N N 157 
THR H2   H N N 158 
THR HA   H N N 159 
THR HB   H N N 160 
THR HG1  H N N 161 
THR HG21 H N N 162 
THR HG22 H N N 163 
THR HG23 H N N 164 
THR HXT  H N N 165 
TRP N    N N N 166 
TRP CA   C N S 167 
TRP C    C N N 168 
TRP O    O N N 169 
TRP CB   C N N 170 
TRP CG   C Y N 171 
TRP CD1  C Y N 172 
TRP CD2  C Y N 173 
TRP NE1  N Y N 174 
TRP CE2  C Y N 175 
TRP CE3  C Y N 176 
TRP CZ2  C Y N 177 
TRP CZ3  C Y N 178 
TRP CH2  C Y N 179 
TRP OXT  O N N 180 
TRP H    H N N 181 
TRP H2   H N N 182 
TRP HA   H N N 183 
TRP HB2  H N N 184 
TRP HB3  H N N 185 
TRP HD1  H N N 186 
TRP HE1  H N N 187 
TRP HE3  H N N 188 
TRP HZ2  H N N 189 
TRP HZ3  H N N 190 
TRP HH2  H N N 191 
TRP HXT  H N N 192 
# 
loop_
_chem_comp_bond.comp_id 
_chem_comp_bond.atom_id_1 
_chem_comp_bond.atom_id_2 
_chem_comp_bond.value_order 
_chem_comp_bond.pdbx_aromatic_flag 
_chem_comp_bond.pdbx_stereo_config 
_chem_comp_bond.pdbx_ordinal 
ALA N   CA   sing N N 1   
ALA N   H    sing N N 2   
ALA N   H2   sing N N 3   
ALA CA  C    sing N N 4   
ALA CA  CB   sing N N 5   
ALA CA  HA   sing N N 6   
ALA C   O    doub N N 7   
ALA C   OXT  sing N N 8   
ALA CB  HB1  sing N N 9   
ALA CB  HB2  sing N N 10  
ALA CB  HB3  sing N N 11  
ALA OXT HXT  sing N N 12  
ASN N   CA   sing N N 13  
ASN N   H    sing N N 14  
ASN N   H2   sing N N 15  
ASN CA  C    sing N N 16  
ASN CA  CB   sing N N 17  
ASN CA  HA   sing N N 18  
ASN C   O    doub N N 19  
ASN C   OXT  sing N N 20  
ASN CB  CG   sing N N 21  
ASN CB  HB2  sing N N 22  
ASN CB  HB3  sing N N 23  
ASN CG  OD1  doub N N 24  
ASN CG  ND2  sing N N 25  
ASN ND2 HD21 sing N N 26  
ASN ND2 HD22 sing N N 27  
ASN OXT HXT  sing N N 28  
ASP N   CA   sing N N 29  
ASP N   H    sing N N 30  
ASP N   H2   sing N N 31  
ASP CA  C    sing N N 32  
ASP CA  CB   sing N N 33  
ASP CA  HA   sing N N 34  
ASP C   O    doub N N 35  
ASP C   OXT  sing N N 36  
ASP CB  CG   sing N N 37  
ASP CB  HB2  sing N N 38  
ASP CB  HB3  sing N N 39  
ASP CG  OD1  doub N N 40  
ASP CG  OD2  sing N N 41  
ASP OD2 HD2  sing N N 42  
ASP OXT HXT  sing N N 43  
CYS N   CA   sing N N 44  
CYS N   H    sing N N 45  
CYS N   H2   sing N N 46  
CYS CA  C    sing N N 47  
CYS CA  CB   sing N N 48  
CYS CA  HA   sing N N 49  
CYS C   O    doub N N 50  
CYS C   OXT  sing N N 51  
CYS CB  SG   sing N N 52  
CYS CB  HB2  sing N N 53  
CYS CB  HB3  sing N N 54  
CYS SG  HG   sing N N 55  
CYS OXT HXT  sing N N 56  
GLY N   CA   sing N N 57  
GLY N   H    sing N N 58  
GLY N   H2   sing N N 59  
GLY CA  C    sing N N 60  
GLY CA  HA2  sing N N 61  
GLY CA  HA3  sing N N 62  
GLY C   O    doub N N 63  
GLY C   OXT  sing N N 64  
GLY OXT HXT  sing N N 65  
HOH O   H1   sing N N 66  
HOH O   H2   sing N N 67  
ILE N   CA   sing N N 68  
ILE N   H    sing N N 69  
ILE N   H2   sing N N 70  
ILE CA  C    sing N N 71  
ILE CA  CB   sing N N 72  
ILE CA  HA   sing N N 73  
ILE C   O    doub N N 74  
ILE C   OXT  sing N N 75  
ILE CB  CG1  sing N N 76  
ILE CB  CG2  sing N N 77  
ILE CB  HB   sing N N 78  
ILE CG1 CD1  sing N N 79  
ILE CG1 HG12 sing N N 80  
ILE CG1 HG13 sing N N 81  
ILE CG2 HG21 sing N N 82  
ILE CG2 HG22 sing N N 83  
ILE CG2 HG23 sing N N 84  
ILE CD1 HD11 sing N N 85  
ILE CD1 HD12 sing N N 86  
ILE CD1 HD13 sing N N 87  
ILE OXT HXT  sing N N 88  
LEU N   CA   sing N N 89  
LEU N   H    sing N N 90  
LEU N   H2   sing N N 91  
LEU CA  C    sing N N 92  
LEU CA  CB   sing N N 93  
LEU CA  HA   sing N N 94  
LEU C   O    doub N N 95  
LEU C   OXT  sing N N 96  
LEU CB  CG   sing N N 97  
LEU CB  HB2  sing N N 98  
LEU CB  HB3  sing N N 99  
LEU CG  CD1  sing N N 100 
LEU CG  CD2  sing N N 101 
LEU CG  HG   sing N N 102 
LEU CD1 HD11 sing N N 103 
LEU CD1 HD12 sing N N 104 
LEU CD1 HD13 sing N N 105 
LEU CD2 HD21 sing N N 106 
LEU CD2 HD22 sing N N 107 
LEU CD2 HD23 sing N N 108 
LEU OXT HXT  sing N N 109 
PRO N   CA   sing N N 110 
PRO N   CD   sing N N 111 
PRO N   H    sing N N 112 
PRO CA  C    sing N N 113 
PRO CA  CB   sing N N 114 
PRO CA  HA   sing N N 115 
PRO C   O    doub N N 116 
PRO C   OXT  sing N N 117 
PRO CB  CG   sing N N 118 
PRO CB  HB2  sing N N 119 
PRO CB  HB3  sing N N 120 
PRO CG  CD   sing N N 121 
PRO CG  HG2  sing N N 122 
PRO CG  HG3  sing N N 123 
PRO CD  HD2  sing N N 124 
PRO CD  HD3  sing N N 125 
PRO OXT HXT  sing N N 126 
SER N   CA   sing N N 127 
SER N   H    sing N N 128 
SER N   H2   sing N N 129 
SER CA  C    sing N N 130 
SER CA  CB   sing N N 131 
SER CA  HA   sing N N 132 
SER C   O    doub N N 133 
SER C   OXT  sing N N 134 
SER CB  OG   sing N N 135 
SER CB  HB2  sing N N 136 
SER CB  HB3  sing N N 137 
SER OG  HG   sing N N 138 
SER OXT HXT  sing N N 139 
THR N   CA   sing N N 140 
THR N   H    sing N N 141 
THR N   H2   sing N N 142 
THR CA  C    sing N N 143 
THR CA  CB   sing N N 144 
THR CA  HA   sing N N 145 
THR C   O    doub N N 146 
THR C   OXT  sing N N 147 
THR CB  OG1  sing N N 148 
THR CB  CG2  sing N N 149 
THR CB  HB   sing N N 150 
THR OG1 HG1  sing N N 151 
THR CG2 HG21 sing N N 152 
THR CG2 HG22 sing N N 153 
THR CG2 HG23 sing N N 154 
THR OXT HXT  sing N N 155 
TRP N   CA   sing N N 156 
TRP N   H    sing N N 157 
TRP N   H2   sing N N 158 
TRP CA  C    sing N N 159 
TRP CA  CB   sing N N 160 
TRP CA  HA   sing N N 161 
TRP C   O    doub N N 162 
TRP C   OXT  sing N N 163 
TRP CB  CG   sing N N 164 
TRP CB  HB2  sing N N 165 
TRP CB  HB3  sing N N 166 
TRP CG  CD1  doub Y N 167 
TRP CG  CD2  sing Y N 168 
TRP CD1 NE1  sing Y N 169 
TRP CD1 HD1  sing N N 170 
TRP CD2 CE2  doub Y N 171 
TRP CD2 CE3  sing Y N 172 
TRP NE1 CE2  sing Y N 173 
TRP NE1 HE1  sing N N 174 
TRP CE2 CZ2  sing Y N 175 
TRP CE3 CZ3  doub Y N 176 
TRP CE3 HE3  sing N N 177 
TRP CZ2 CH2  doub Y N 178 
TRP CZ2 HZ2  sing N N 179 
TRP CZ3 CH2  sing Y N 180 
TRP CZ3 HZ3  sing N N 181 
TRP CH2 HH2  sing N N 182 
TRP OXT HXT  sing N N 183 
# 
_atom_sites.entry_id                    3NJW 
_atom_sites.fract_transf_matrix[1][1]   -0.04932542 
_atom_sites.fract_transf_matrix[1][2]   0.00158504 
_atom_sites.fract_transf_matrix[1][3]   0.01427508 
_atom_sites.fract_transf_matrix[2][1]   0.01245074 
_atom_sites.fract_transf_matrix[2][2]   -0.00911450 
_atom_sites.fract_transf_matrix[2][3]   0.04403371 
_atom_sites.fract_transf_matrix[3][1]   0.00282480 
_atom_sites.fract_transf_matrix[3][2]   0.03320301 
_atom_sites.fract_transf_matrix[3][3]   0.00607394 
_atom_sites.fract_transf_vector[1]      0.265344 
_atom_sites.fract_transf_vector[2]      0.901936 
_atom_sites.fract_transf_vector[3]      0.169487 
# 
loop_
_atom_type.symbol 
C 
N 
O 
S 
# 
loop_
_atom_site.group_PDB 
_atom_site.id 
_atom_site.type_symbol 
_atom_site.label_atom_id 
_atom_site.label_alt_id 
_atom_site.label_comp_id 
_atom_site.label_asym_id 
_atom_site.label_entity_id 
_atom_site.label_seq_id 
_atom_site.pdbx_PDB_ins_code 
_atom_site.Cartn_x 
_atom_site.Cartn_y 
_atom_site.Cartn_z 
_atom_site.occupancy 
_atom_site.B_iso_or_equiv 
_atom_site.pdbx_formal_charge 
_atom_site.auth_seq_id 
_atom_site.auth_comp_id 
_atom_site.auth_asym_id 
_atom_site.auth_atom_id 
_atom_site.pdbx_PDB_model_num 
ATOM   1   N N   . GLY A 1 1  ? 0.405  -0.309 4.479  1.00 4.36  ? 1    GLY A N   1 
ATOM   2   C CA  . GLY A 1 1  ? -0.630 -0.438 5.479  1.00 4.79  ? 1    GLY A CA  1 
ATOM   3   C C   . GLY A 1 1  ? -1.790 0.497  5.293  1.00 4.66  ? 1    GLY A C   1 
ATOM   4   O O   . GLY A 1 1  ? -2.652 0.604  6.187  1.00 5.69  ? 1    GLY A O   1 
ATOM   5   N N   . LEU A 1 2  ? -1.847 1.220  4.169  1.00 4.84  ? 2    LEU A N   1 
ATOM   6   C CA  . LEU A 1 2  ? -2.799 2.302  4.005  1.00 5.30  ? 2    LEU A CA  1 
ATOM   7   C C   . LEU A 1 2  ? -3.983 1.913  3.144  1.00 5.17  ? 2    LEU A C   1 
ATOM   8   O O   . LEU A 1 2  ? -3.909 1.045  2.271  1.00 5.18  ? 2    LEU A O   1 
ATOM   9   C CB  . LEU A 1 2  ? -2.083 3.503  3.336  1.00 5.04  ? 2    LEU A CB  1 
ATOM   10  C CG  . LEU A 1 2  ? -0.925 4.102  4.103  1.00 6.43  ? 2    LEU A CG  1 
ATOM   11  C CD1 . LEU A 1 2  ? -0.150 5.049  3.280  1.00 7.04  ? 2    LEU A CD1 1 
ATOM   12  C CD2 . LEU A 1 2  ? -1.465 4.804  5.365  1.00 10.71 ? 2    LEU A CD2 1 
ATOM   13  N N   . PRO A 1 3  ? -5.090 2.634  3.327  1.00 5.43  ? 3    PRO A N   1 
ATOM   14  C CA  . PRO A 1 3  ? -6.250 2.471  2.465  1.00 6.16  ? 3    PRO A CA  1 
ATOM   15  C C   . PRO A 1 3  ? -6.187 3.294  1.196  1.00 5.34  ? 3    PRO A C   1 
ATOM   16  O O   . PRO A 1 3  ? -7.238 3.629  0.602  1.00 6.40  ? 3    PRO A O   1 
ATOM   17  C CB  . PRO A 1 3  ? -7.408 2.925  3.405  1.00 8.27  ? 3    PRO A CB  1 
ATOM   18  C CG  . PRO A 1 3  ? -6.805 3.973  4.249  1.00 8.11  ? 3    PRO A CG  1 
ATOM   19  C CD  . PRO A 1 3  ? -5.397 3.518  4.475  1.00 6.80  ? 3    PRO A CD  1 
ATOM   20  N N   . TRP A 1 4  ? -4.997 3.667  0.752  1.00 4.64  ? 4    TRP A N   1 
ATOM   21  C CA  . TRP A 1 4  ? -4.796 4.288  -0.529 1.00 4.53  ? 4    TRP A CA  1 
ATOM   22  C C   . TRP A 1 4  ? -3.405 3.940  -1.016 1.00 4.33  ? 4    TRP A C   1 
ATOM   23  O O   . TRP A 1 4  ? -2.525 3.514  -0.269 1.00 4.81  ? 4    TRP A O   1 
ATOM   24  C CB  . TRP A 1 4  ? -4.997 5.807  -0.505 1.00 5.02  ? 4    TRP A CB  1 
ATOM   25  C CG  . TRP A 1 4  ? -4.001 6.572  0.235  1.00 5.11  ? 4    TRP A CG  1 
ATOM   26  C CD1 . TRP A 1 4  ? -2.928 7.191  -0.306 1.00 5.90  ? 4    TRP A CD1 1 
ATOM   27  C CD2 . TRP A 1 4  ? -3.936 6.888  1.659  1.00 5.51  ? 4    TRP A CD2 1 
ATOM   28  N NE1 . TRP A 1 4  ? -2.192 7.821  0.631  1.00 6.14  ? 4    TRP A NE1 1 
ATOM   29  C CE2 . TRP A 1 4  ? -2.798 7.684  1.849  1.00 5.65  ? 4    TRP A CE2 1 
ATOM   30  C CE3 . TRP A 1 4  ? -4.807 6.658  2.709  1.00 6.51  ? 4    TRP A CE3 1 
ATOM   31  C CZ2 . TRP A 1 4  ? -2.483 8.199  3.075  1.00 6.75  ? 4    TRP A CZ2 1 
ATOM   32  C CZ3 . TRP A 1 4  ? -4.479 7.188  3.947  1.00 7.66  ? 4    TRP A CZ3 1 
ATOM   33  C CH2 . TRP A 1 4  ? -3.308 7.950  4.139  1.00 8.03  ? 4    TRP A CH2 1 
ATOM   34  N N   . GLY A 1 5  ? -3.215 4.171  -2.323 1.00 4.59  ? 5    GLY A N   1 
ATOM   35  C CA  . GLY A 1 5  ? -1.988 3.827  -2.981 1.00 4.78  ? 5    GLY A CA  1 
ATOM   36  C C   . GLY A 1 5  ? -2.131 2.599  -3.825 1.00 4.30  ? 5    GLY A C   1 
ATOM   37  O O   . GLY A 1 5  ? -3.239 2.205  -4.200 1.00 5.39  ? 5    GLY A O   1 
ATOM   38  N N   . CYS A 1 6  ? -0.993 1.965  -4.107 1.00 4.95  ? 6    CYS A N   1 
ATOM   39  C CA  . CYS A 1 6  ? -0.952 0.764  -4.913 1.00 5.27  ? 6    CYS A CA  1 
ATOM   40  C C   . CYS A 1 6  ? -0.678 -0.441 -4.050 1.00 5.02  ? 6    CYS A C   1 
ATOM   41  O O   . CYS A 1 6  ? -0.072 -0.324 -2.948 1.00 4.93  ? 6    CYS A O   1 
ATOM   42  C CB  . CYS A 1 6  ? 0.106  0.825  -6.021 1.00 5.80  ? 6    CYS A CB  1 
ATOM   43  S SG  . CYS A 1 6  ? -0.154 2.235  -7.161 1.00 6.51  ? 6    CYS A SG  1 
ATOM   44  N N   . PRO A 1 7  ? -1.021 -1.645 -4.507 1.00 6.21  ? 7    PRO A N   1 
ATOM   45  C CA  . PRO A 1 7  ? -0.675 -2.840 -3.741 1.00 6.22  ? 7    PRO A CA  1 
ATOM   46  C C   . PRO A 1 7  ? 0.842  -3.008 -3.768 1.00 5.81  ? 7    PRO A C   1 
ATOM   47  O O   . PRO A 1 7  ? 1.430  -2.860 -4.857 1.00 7.43  ? 7    PRO A O   1 
ATOM   48  C CB  . PRO A 1 7  ? -1.377 -3.949 -4.533 1.00 8.78  ? 7    PRO A CB  1 
ATOM   49  C CG  . PRO A 1 7  ? -2.463 -3.323 -5.237 1.00 11.03 ? 7    PRO A CG  1 
ATOM   50  C CD  . PRO A 1 7  ? -1.884 -1.929 -5.676 1.00 8.80  ? 7    PRO A CD  1 
ATOM   51  N N   . SER A 1 8  ? 1.514  -3.340 -2.666 1.00 5.98  ? 8    SER A N   1 
ATOM   52  C CA  . SER A 1 8  ? 1.019  -3.509 -1.341 1.00 6.08  ? 8    SER A CA  1 
ATOM   53  C C   . SER A 1 8  ? 2.040  -2.911 -0.353 1.00 5.61  ? 8    SER A C   1 
ATOM   54  O O   . SER A 1 8  ? 3.217  -2.903 -0.618 1.00 7.41  ? 8    SER A O   1 
ATOM   55  C CB  . SER A 1 8  ? 0.777  -4.946 -0.984 1.00 8.00  ? 8    SER A CB  1 
ATOM   56  O OG  . SER A 1 8  ? -0.276 -5.476 -1.796 1.00 10.23 ? 8    SER A OG  1 
ATOM   57  N N   . ASP A 1 9  ? 1.508  -2.464 0.792  1.00 4.41  ? 9    ASP A N   1 
ATOM   58  C CA  . ASP A 1 9  ? 2.403  -2.205 1.923  1.00 4.26  ? 9    ASP A CA  1 
ATOM   59  C C   . ASP A 1 9  ? 2.662  -3.497 2.659  1.00 4.25  ? 9    ASP A C   1 
ATOM   60  O O   . ASP A 1 9  ? 2.108  -4.550 2.356  1.00 4.88  ? 9    ASP A O   1 
ATOM   61  C CB  . ASP A 1 9  ? 1.918  -1.044 2.769  1.00 3.84  ? 9    ASP A CB  1 
ATOM   62  C CG  . ASP A 1 9  ? 0.707  -1.295 3.627  1.00 3.99  ? 9    ASP A CG  1 
ATOM   63  O OD1 . ASP A 1 9  ? 0.063  -2.337 3.522  1.00 4.95  ? 9    ASP A OD1 1 
ATOM   64  N N   . ILE A 1 10 ? 3.550  -3.436 3.676  1.00 4.52  ? 10   ILE A N   1 
ATOM   65  C CA  . ILE A 1 10 ? 3.971  -4.643 4.365  1.00 4.80  ? 10   ILE A CA  1 
ATOM   66  C C   . ILE A 1 10 ? 2.820  -5.323 5.115  1.00 5.07  ? 10   ILE A C   1 
ATOM   67  O O   . ILE A 1 10 ? 2.699  -6.547 5.073  1.00 6.31  ? 10   ILE A O   1 
ATOM   68  C CB  . ILE A 1 10 ? 5.218  -4.363 5.186  1.00 5.28  ? 10   ILE A CB  1 
ATOM   69  C CG1 . ILE A 1 10 ? 6.421  -4.129 4.263  1.00 6.01  ? 10   ILE A CG1 1 
ATOM   70  C CG2 . ILE A 1 10 ? 5.530  -5.504 6.157  1.00 7.16  ? 10   ILE A CG2 1 
ATOM   71  C CD1 . ILE A 1 10 ? 6.720  -5.236 3.275  1.00 7.80  ? 10   ILE A CD1 1 
ATOM   72  N N   . PRO A 1 11 ? 1.888  -4.579 5.701  1.00 5.02  ? 11   PRO A N   1 
ATOM   73  C CA  . PRO A 1 11 ? 0.686  -5.251 6.252  1.00 5.25  ? 11   PRO A CA  1 
ATOM   74  C C   . PRO A 1 11 ? -0.249 -5.838 5.246  1.00 5.84  ? 11   PRO A C   1 
ATOM   75  O O   . PRO A 1 11 ? -1.200 -6.517 5.626  1.00 7.69  ? 11   PRO A O   1 
ATOM   76  C CB  . PRO A 1 11 ? 0.012  -4.120 7.071  1.00 5.67  ? 11   PRO A CB  1 
ATOM   77  C CG  . PRO A 1 11 ? 1.176  -3.217 7.444  1.00 5.80  ? 11   PRO A CG  1 
ATOM   78  C CD  . PRO A 1 11 ? 2.059  -3.221 6.232  1.00 4.94  ? 11   PRO A CD  1 
ATOM   79  N N   . GLY A 1 12 ? -0.059 -5.596 3.948  1.00 5.44  ? 12   GLY A N   1 
ATOM   80  C CA  . GLY A 1 12 ? -0.909 -6.159 2.943  1.00 5.71  ? 12   GLY A CA  1 
ATOM   81  C C   . GLY A 1 12 ? -2.009 -5.271 2.445  1.00 5.36  ? 12   GLY A C   1 
ATOM   82  O O   . GLY A 1 12 ? -2.818 -5.708 1.605  1.00 6.62  ? 12   GLY A O   1 
ATOM   83  N N   . TRP A 1 13 ? -2.077 -4.047 2.983  1.00 4.84  ? 13   TRP A N   1 
ATOM   84  C CA  . TRP A 1 13 ? -2.916 -3.009 2.416  1.00 5.02  ? 13   TRP A CA  1 
ATOM   85  C C   . TRP A 1 13 ? -2.106 -2.333 1.299  1.00 4.48  ? 13   TRP A C   1 
ATOM   86  O O   . TRP A 1 13 ? -1.325 -3.016 0.647  1.00 5.20  ? 13   TRP A O   1 
ATOM   87  C CB  . TRP A 1 13 ? -3.435 -2.071 3.522  1.00 5.26  ? 13   TRP A CB  1 
ATOM   88  C CG  . TRP A 1 13 ? -4.382 -2.716 4.502  1.00 5.15  ? 13   TRP A CG  1 
ATOM   89  C CD1 . TRP A 1 13 ? -4.363 -3.968 5.008  1.00 7.22  ? 13   TRP A CD1 1 
ATOM   90  C CD2 . TRP A 1 13 ? -5.505 -2.073 5.077  1.00 4.79  ? 13   TRP A CD2 1 
ATOM   91  N NE1 . TRP A 1 13 ? -5.409 -4.143 5.887  1.00 7.33  ? 13   TRP A NE1 1 
ATOM   92  C CE2 . TRP A 1 13 ? -6.170 -2.995 5.908  1.00 5.44  ? 13   TRP A CE2 1 
ATOM   93  C CE3 . TRP A 1 13 ? -6.066 -0.791 4.964  1.00 5.98  ? 13   TRP A CE3 1 
ATOM   94  C CZ2 . TRP A 1 13 ? -7.300 -2.721 6.603  1.00 5.68  ? 13   TRP A CZ2 1 
ATOM   95  C CZ3 . TRP A 1 13 ? -7.199 -0.511 5.655  1.00 6.82  ? 13   TRP A CZ3 1 
ATOM   96  C CH2 . TRP A 1 13 ? -7.830 -1.471 6.459  1.00 5.99  ? 13   TRP A CH2 1 
ATOM   97  N N   . ASN A 1 14 ? -2.279 -1.019 1.062  1.00 4.65  ? 14   ASN A N   1 
ATOM   98  C CA  . ASN A 1 14 ? -1.669 -0.360 -0.052 1.00 4.35  ? 14   ASN A CA  1 
ATOM   99  C C   . ASN A 1 14 ? -0.693 0.701  0.434  1.00 4.04  ? 14   ASN A C   1 
ATOM   100 O O   . ASN A 1 14 ? -0.633 1.042  1.621  1.00 4.33  ? 14   ASN A O   1 
ATOM   101 C CB  . ASN A 1 14 ? -2.716 0.243  -0.984 1.00 4.92  ? 14   ASN A CB  1 
ATOM   102 C CG  . ASN A 1 14 ? -3.423 -0.794 -1.813 1.00 6.13  ? 14   ASN A CG  1 
ATOM   103 O OD1 . ASN A 1 14 ? -3.300 -1.977 -1.628 1.00 8.46  ? 14   ASN A OD1 1 
ATOM   104 N ND2 . ASN A 1 14 ? -4.071 -0.327 -2.907 1.00 9.36  ? 14   ASN A ND2 1 
ATOM   105 N N   . THR A 1 15 ? 0.087  1.279  -0.486 1.00 3.88  ? 15   THR A N   1 
ATOM   106 C CA  . THR A 1 15 ? 0.837  2.470  -0.160 1.00 3.53  ? 15   THR A CA  1 
ATOM   107 C C   . THR A 1 15 ? 1.185  3.158  -1.447 1.00 3.58  ? 15   THR A C   1 
ATOM   108 O O   . THR A 1 15 ? 1.510  2.508  -2.456 1.00 3.80  ? 15   THR A O   1 
ATOM   109 C CB  . THR A 1 15 ? 2.141  2.203  0.635  1.00 3.94  ? 15   THR A CB  1 
ATOM   110 O OG1 . THR A 1 15 ? 2.859  3.427  0.627  1.00 4.44  ? 15   THR A OG1 1 
ATOM   111 C CG2 . THR A 1 15 ? 2.986  1.079  0.102  1.00 4.26  ? 15   THR A CG2 1 
ATOM   112 N N   . PRO A 1 16 ? 1.218  4.499  -1.464 1.00 3.76  ? 16   PRO A N   1 
ATOM   113 C CA  . PRO A 1 16 ? 1.736  5.188  -2.643 1.00 3.83  ? 16   PRO A CA  1 
ATOM   114 C C   . PRO A 1 16 ? 3.136  4.757  -3.009 1.00 3.97  ? 16   PRO A C   1 
ATOM   115 O O   . PRO A 1 16 ? 3.479  4.807  -4.204 1.00 4.54  ? 16   PRO A O   1 
ATOM   116 C CB  . PRO A 1 16 ? 1.669  6.658  -2.236 1.00 4.84  ? 16   PRO A CB  1 
ATOM   117 C CG  . PRO A 1 16 ? 0.547  6.724  -1.251 1.00 5.45  ? 16   PRO A CG  1 
ATOM   118 C CD  . PRO A 1 16 ? 0.709  5.434  -0.444 1.00 4.26  ? 16   PRO A CD  1 
ATOM   119 N N   . TRP A 1 17 ? 3.962  4.380  -2.047 1.00 3.91  ? 17   TRP A N   1 
ATOM   120 C CA  . TRP A 1 17 ? 5.347  4.004  -2.326 1.00 4.28  ? 17   TRP A CA  1 
ATOM   121 C C   . TRP A 1 17 ? 5.439  2.732  -3.163 1.00 4.57  ? 17   TRP A C   1 
ATOM   122 O O   . TRP A 1 17 ? 6.519  2.457  -3.694 1.00 5.90  ? 17   TRP A O   1 
ATOM   123 C CB  . TRP A 1 17 ? 6.126  3.836  -1.025 1.00 4.88  ? 17   TRP A CB  1 
ATOM   124 C CG  . TRP A 1 17 ? 6.440  5.116  -0.308 1.00 4.90  ? 17   TRP A CG  1 
ATOM   125 C CD1 . TRP A 1 17 ? 5.645  5.793  0.538  1.00 6.26  ? 17   TRP A CD1 1 
ATOM   126 C CD2 . TRP A 1 17 ? 7.681  5.858  -0.391 1.00 5.18  ? 17   TRP A CD2 1 
ATOM   127 N NE1 . TRP A 1 17 ? 6.283  6.885  1.022  1.00 7.14  ? 17   TRP A NE1 1 
ATOM   128 C CE2 . TRP A 1 17 ? 7.551  6.947  0.481  1.00 6.17  ? 17   TRP A CE2 1 
ATOM   129 C CE3 . TRP A 1 17 ? 8.889  5.672  -1.010 1.00 6.11  ? 17   TRP A CE3 1 
ATOM   130 C CZ2 . TRP A 1 17 ? 8.552  7.873  0.695  1.00 7.83  ? 17   TRP A CZ2 1 
ATOM   131 C CZ3 . TRP A 1 17 ? 9.939  6.549  -0.794 1.00 7.89  ? 17   TRP A CZ3 1 
ATOM   132 C CH2 . TRP A 1 17 ? 9.735  7.601  0.082  1.00 8.39  ? 17   TRP A CH2 1 
ATOM   133 N N   . ALA A 1 18 ? 4.382  1.932  -3.215 1.00 4.23  ? 18   ALA A N   1 
ATOM   134 C CA  . ALA A 1 18 ? 4.377  0.701  -3.980 1.00 4.55  ? 18   ALA A CA  1 
ATOM   135 C C   . ALA A 1 18 ? 4.008  0.936  -5.436 1.00 4.92  ? 18   ALA A C   1 
ATOM   136 O O   . ALA A 1 18 ? 4.110  0.003  -6.241 1.00 6.82  ? 18   ALA A O   1 
ATOM   137 C CB  . ALA A 1 18 ? 3.426  -0.299 -3.364 1.00 5.41  ? 18   ALA A CB  1 
ATOM   138 N N   . CYS A 1 19 ? 3.582  2.120  -5.809 1.00 4.76  ? 19   CYS A N   1 
ATOM   139 C CA  . CYS A 1 19 ? 3.207  2.402  -7.179 1.00 4.77  ? 19   CYS A CA  1 
ATOM   140 C C   . CYS A 1 19 ? 4.440  2.455  -8.070 1.00 5.04  ? 19   CYS A C   1 
ATOM   141 O O   . CYS A 1 19 ? 4.424  1.792  -9.120 1.00 6.64  ? 19   CYS A O   1 
ATOM   142 C CB  . CYS A 1 19 ? 2.457  3.701  -7.277 1.00 5.45  ? 19   CYS A CB  1 
ATOM   143 S SG  . CYS A 1 19 ? 0.902  3.757  -6.328 1.00 6.08  ? 19   CYS A SG  1 
ATOM   144 O OXT . CYS A 1 19 ? 5.381  3.200  -7.728 1.00 5.65  ? 19   CYS A OXT 1 
HETATM 145 O O   . HOH B 2 .  ? 5.594  5.253  -5.941 1.00 6.92  ? 1001 HOH A O   1 
HETATM 146 O O   . HOH B 2 .  ? 2.102  1.896  5.056  1.00 7.65  ? 1002 HOH A O   1 
HETATM 147 O O   . HOH B 2 .  ? -3.058 -4.731 -1.126 1.00 11.75 ? 1003 HOH A O   1 
HETATM 148 O O   . HOH B 2 .  ? 4.360  -3.996 -3.605 1.00 10.96 ? 1004 HOH A O   1 
HETATM 149 O O   . HOH B 2 .  ? -2.169 -7.935 -0.302 1.00 18.46 ? 1005 HOH A O   1 
HETATM 150 O O   . HOH B 2 .  ? -6.202 -1.945 -4.039 0.50 8.38  ? 1006 HOH A O   1 
HETATM 151 O O   . HOH B 2 .  ? 2.759  0.045  7.202  1.00 11.89 ? 1007 HOH A O   1 
HETATM 152 O O   . HOH B 2 .  ? 0.866  -6.856 -3.925 1.00 17.77 ? 1008 HOH A O   1 
HETATM 153 O O   . HOH B 2 .  ? 5.236  -2.448 -5.786 0.50 7.40  ? 1009 HOH A O   1 
HETATM 154 O O   . HOH B 2 .  ? 2.441  4.574  5.957  1.00 16.06 ? 1010 HOH A O   1 
HETATM 155 O O   . HOH B 2 .  ? 1.966  -2.007 -7.352 1.00 19.54 ? 1011 HOH A O   1 
HETATM 156 O O   . HOH B 2 .  ? 5.705  -2.569 -1.588 0.50 12.16 ? 1012 HOH A O   1 
HETATM 157 O O   . HOH B 2 .  ? 6.810  -2.842 -0.586 0.50 9.61  ? 1013 HOH A O   1 
HETATM 158 O O   . HOH B 2 .  ? -7.334 -2.161 0.546  0.50 39.85 ? 1014 HOH A O   1 
HETATM 159 O O   . HOH B 2 .  ? 2.728  1.235  7.693  0.50 11.11 ? 1016 HOH A O   1 
HETATM 160 O O   . HOH B 2 .  ? 7.622  -1.555 -1.261 0.50 22.72 ? 1017 HOH A O   1 
HETATM 161 O O   . HOH B 2 .  ? 7.550  -1.341 -5.402 0.50 16.16 ? 1018 HOH A O   1 
HETATM 162 O O   . HOH B 2 .  ? -4.361 -0.174 -5.644 0.50 19.11 ? 1019 HOH A O   1 
HETATM 163 O O   . HOH B 2 .  ? 0.986  -8.636 -5.966 0.50 24.51 ? 1020 HOH A O   1 
HETATM 164 O O   . HOH B 2 .  ? -5.723 -1.957 -4.713 0.50 18.99 ? 1106 HOH A O   1 
HETATM 165 O O   . HOH B 2 .  ? 5.790  -3.372 -1.395 0.50 9.08  ? 1112 HOH A O   1 
HETATM 166 O O   . HOH B 2 .  ? 7.769  -4.209 -0.655 0.50 18.39 ? 1113 HOH A O   1 
HETATM 167 O O   . HOH B 2 .  ? -5.653 -3.852 0.706  0.50 15.36 ? 1114 HOH A O   1 
HETATM 168 O O   . HOH B 2 .  ? 6.792  -1.252 -2.921 0.50 17.68 ? 1117 HOH A O   1 
HETATM 169 O O   . HOH B 2 .  ? 6.390  -1.757 -6.345 0.50 25.21 ? 1118 HOH A O   1 
# 
loop_
_atom_site_anisotrop.id 
_atom_site_anisotrop.type_symbol 
_atom_site_anisotrop.pdbx_label_atom_id 
_atom_site_anisotrop.pdbx_label_alt_id 
_atom_site_anisotrop.pdbx_label_comp_id 
_atom_site_anisotrop.pdbx_label_asym_id 
_atom_site_anisotrop.pdbx_label_seq_id 
_atom_site_anisotrop.pdbx_PDB_ins_code 
_atom_site_anisotrop.U[1][1] 
_atom_site_anisotrop.U[2][2] 
_atom_site_anisotrop.U[3][3] 
_atom_site_anisotrop.U[1][2] 
_atom_site_anisotrop.U[1][3] 
_atom_site_anisotrop.U[2][3] 
_atom_site_anisotrop.pdbx_auth_seq_id 
_atom_site_anisotrop.pdbx_auth_comp_id 
_atom_site_anisotrop.pdbx_auth_asym_id 
_atom_site_anisotrop.pdbx_auth_atom_id 
1   N N   . GLY A 1  ? 0.0501 0.0648 0.0508 0.0080  0.0069  0.0110  1    GLY A N   
2   C CA  . GLY A 1  ? 0.0570 0.0783 0.0466 0.0113  0.0132  0.0062  1    GLY A CA  
3   C C   . GLY A 1  ? 0.0514 0.0776 0.0480 0.0073  0.0044  0.0053  1    GLY A C   
4   O O   . GLY A 1  ? 0.0645 0.0979 0.0537 0.0257  0.0169  0.0149  1    GLY A O   
5   N N   . LEU A 2  ? 0.0647 0.0769 0.0423 0.0237  0.0114  0.0154  2    LEU A N   
6   C CA  . LEU A 2  ? 0.0682 0.0876 0.0454 0.0264  0.0078  0.0104  2    LEU A CA  
7   C C   . LEU A 2  ? 0.0524 0.0731 0.0709 0.0179  0.0101  0.0231  2    LEU A C   
8   O O   . LEU A 2  ? 0.0584 0.0659 0.0726 0.0079  0.0023  0.0089  2    LEU A O   
9   C CB  . LEU A 2  ? 0.0661 0.0662 0.0590 0.0145  0.0032  0.0055  2    LEU A CB  
10  C CG  . LEU A 2  ? 0.0792 0.1030 0.0622 0.0192  -0.0140 -0.0043 2    LEU A CG  
11  C CD1 . LEU A 2  ? 0.0884 0.0770 0.1021 -0.0044 -0.0215 0.0037  2    LEU A CD1 
12  C CD2 . LEU A 2  ? 0.1096 0.2101 0.0871 0.0275  -0.0137 -0.0607 2    LEU A CD2 
13  N N   . PRO A 3  ? 0.0536 0.0872 0.0656 0.0220  0.0113  0.0223  3    PRO A N   
14  C CA  . PRO A 3  ? 0.0437 0.0935 0.0967 0.0091  0.0097  0.0330  3    PRO A CA  
15  C C   . PRO A 3  ? 0.0475 0.0775 0.0779 0.0100  0.0009  0.0163  3    PRO A C   
16  O O   . PRO A 3  ? 0.0474 0.1123 0.0835 0.0059  0.0049  0.0203  3    PRO A O   
17  C CB  . PRO A 3  ? 0.0636 0.1252 0.1255 0.0252  0.0426  0.0573  3    PRO A CB  
18  C CG  . PRO A 3  ? 0.0816 0.1158 0.1107 0.0445  0.0397  0.0352  3    PRO A CG  
19  C CD  . PRO A 3  ? 0.0918 0.1021 0.0647 0.0449  0.0252  0.0268  3    PRO A CD  
20  N N   . TRP A 4  ? 0.0425 0.0742 0.0598 0.0092  0.0032  0.0211  4    TRP A N   
21  C CA  . TRP A 4  ? 0.0451 0.0729 0.0543 0.0087  0.0003  0.0108  4    TRP A CA  
22  C C   . TRP A 4  ? 0.0513 0.0598 0.0537 -0.0014 -0.0002 0.0092  4    TRP A C   
23  O O   . TRP A 4  ? 0.0445 0.0738 0.0646 0.0141  -0.0033 0.0182  4    TRP A O   
24  C CB  . TRP A 4  ? 0.0541 0.0707 0.0660 0.0071  -0.0045 0.0156  4    TRP A CB  
25  C CG  . TRP A 4  ? 0.0569 0.0679 0.0692 0.0126  0.0111  0.0149  4    TRP A CG  
26  C CD1 . TRP A 4  ? 0.0720 0.0616 0.0905 -0.0027 0.0127  0.0089  4    TRP A CD1 
27  C CD2 . TRP A 4  ? 0.0595 0.0728 0.0770 0.0098  -0.0056 0.0034  4    TRP A CD2 
28  N NE1 . TRP A 4  ? 0.0596 0.0679 0.1059 -0.0075 0.0123  -0.0012 4    TRP A NE1 
29  C CE2 . TRP A 4  ? 0.0600 0.0671 0.0875 0.0063  -0.0083 0.0036  4    TRP A CE2 
30  C CE3 . TRP A 4  ? 0.0840 0.1030 0.0605 -0.0116 -0.0032 0.0165  4    TRP A CE3 
31  C CZ2 . TRP A 4  ? 0.0782 0.0705 0.1078 0.0031  -0.0221 0.0040  4    TRP A CZ2 
32  C CZ3 . TRP A 4  ? 0.1110 0.1137 0.0662 -0.0015 0.0044  0.0064  4    TRP A CZ3 
33  C CH2 . TRP A 4  ? 0.1284 0.0915 0.0852 -0.0090 -0.0284 0.0080  4    TRP A CH2 
34  N N   . GLY A 5  ? 0.0454 0.0767 0.0523 0.0085  -0.0006 0.0033  5    GLY A N   
35  C CA  . GLY A 5  ? 0.0417 0.0862 0.0538 0.0014  0.0035  0.0024  5    GLY A CA  
36  C C   . GLY A 5  ? 0.0398 0.0739 0.0498 -0.0012 0.0008  0.0049  5    GLY A C   
37  O O   . GLY A 5  ? 0.0455 0.0921 0.0673 0.0012  -0.0084 -0.0028 5    GLY A O   
38  N N   . CYS A 6  ? 0.0431 0.0874 0.0575 0.0006  -0.0031 -0.0136 6    CYS A N   
39  C CA  . CYS A 6  ? 0.0532 0.0900 0.0572 0.0023  -0.0048 -0.0081 6    CYS A CA  
40  C C   . CYS A 6  ? 0.0465 0.0901 0.0541 -0.0086 0.0011  -0.0119 6    CYS A C   
41  O O   . CYS A 6  ? 0.0579 0.0774 0.0522 -0.0034 -0.0019 -0.0082 6    CYS A O   
42  C CB  . CYS A 6  ? 0.0697 0.1020 0.0488 0.0012  -0.0004 -0.0085 6    CYS A CB  
43  S SG  . CYS A 6  ? 0.0642 0.1221 0.0612 0.0021  -0.0089 0.0046  6    CYS A SG  
44  N N   . PRO A 7  ? 0.0785 0.0805 0.0767 -0.0143 -0.0267 -0.0155 7    PRO A N   
45  C CA  . PRO A 7  ? 0.0834 0.0821 0.0708 -0.0245 -0.0025 -0.0116 7    PRO A CA  
46  C C   . PRO A 7  ? 0.0821 0.0745 0.0642 -0.0084 0.0028  -0.0163 7    PRO A C   
47  O O   . PRO A 7  ? 0.1121 0.1048 0.0656 -0.0123 0.0143  -0.0147 7    PRO A O   
48  C CB  . PRO A 7  ? 0.1296 0.1131 0.0910 -0.0497 -0.0108 -0.0256 7    PRO A CB  
49  C CG  . PRO A 7  ? 0.1567 0.1076 0.1547 -0.0247 -0.0953 -0.0097 7    PRO A CG  
50  C CD  . PRO A 7  ? 0.1199 0.1201 0.0944 -0.0180 -0.0437 -0.0385 7    PRO A CD  
51  N N   . SER A 8  ? 0.0762 0.0873 0.0636 -0.0025 0.0093  -0.0157 8    SER A N   
52  C CA  . SER A 8  ? 0.0737 0.0931 0.0642 -0.0143 0.0055  -0.0147 8    SER A CA  
53  C C   . SER A 8  ? 0.0587 0.0927 0.0618 -0.0013 0.0125  -0.0118 8    SER A C   
54  O O   . SER A 8  ? 0.0589 0.1426 0.0802 -0.0010 0.0132  -0.0326 8    SER A O   
55  C CB  . SER A 8  ? 0.1149 0.1205 0.0683 -0.0345 0.0073  -0.0179 8    SER A CB  
56  O OG  . SER A 8  ? 0.1501 0.1346 0.1041 -0.0536 -0.0125 0.0012  8    SER A OG  
57  N N   . ASP A 9  ? 0.0447 0.0770 0.0460 0.0007  0.0053  -0.0002 9    ASP A N   
58  C CA  . ASP A 9  ? 0.0433 0.0634 0.0551 -0.0014 0.0025  -0.0040 9    ASP A CA  
59  C C   . ASP A 9  ? 0.0479 0.0612 0.0523 0.0025  0.0055  -0.0035 9    ASP A C   
60  O O   . ASP A 9  ? 0.0558 0.0615 0.0678 -0.0032 0.0092  -0.0069 9    ASP A O   
61  C CB  . ASP A 9  ? 0.0403 0.0535 0.0519 0.0039  0.0045  0.0045  9    ASP A CB  
62  C CG  . ASP A 9  ? 0.0474 0.0631 0.0413 0.0059  0.0036  0.0064  9    ASP A CG  
63  O OD1 . ASP A 9  ? 0.0539 0.0616 0.0726 -0.0023 0.0146  -0.0018 9    ASP A OD1 
64  N N   . ILE A 10 ? 0.0555 0.0468 0.0693 0.0007  -0.0014 -0.0002 10   ILE A N   
65  C CA  . ILE A 10 ? 0.0524 0.0527 0.0774 0.0110  0.0014  -0.0018 10   ILE A CA  
66  C C   . ILE A 10 ? 0.0685 0.0450 0.0790 0.0086  0.0085  0.0077  10   ILE A C   
67  O O   . ILE A 10 ? 0.0768 0.0574 0.1054 0.0055  0.0299  0.0060  10   ILE A O   
68  C CB  . ILE A 10 ? 0.0599 0.0671 0.0739 0.0115  -0.0089 0.0033  10   ILE A CB  
69  C CG1 . ILE A 10 ? 0.0530 0.0890 0.0864 0.0026  -0.0043 -0.0037 10   ILE A CG1 
70  C CG2 . ILE A 10 ? 0.0858 0.0733 0.1128 0.0173  -0.0187 0.0132  10   ILE A CG2 
71  C CD1 . ILE A 10 ? 0.0663 0.1106 0.1197 0.0049  -0.0031 -0.0292 10   ILE A CD1 
72  N N   . PRO A 11 ? 0.0651 0.0548 0.0710 0.0024  0.0156  0.0067  11   PRO A N   
73  C CA  . PRO A 11 ? 0.0645 0.0644 0.0704 0.0065  0.0133  0.0093  11   PRO A CA  
74  C C   . PRO A 11 ? 0.0678 0.0614 0.0927 -0.0032 0.0252  -0.0051 11   PRO A C   
75  O O   . PRO A 11 ? 0.0954 0.0916 0.1055 -0.0322 0.0352  -0.0041 11   PRO A O   
76  C CB  . PRO A 11 ? 0.0651 0.0736 0.0765 0.0103  0.0047  -0.0012 11   PRO A CB  
77  C CG  . PRO A 11 ? 0.0639 0.0844 0.0721 0.0087  0.0091  -0.0049 11   PRO A CG  
78  C CD  . PRO A 11 ? 0.0619 0.0616 0.0641 0.0083  0.0028  0.0017  11   PRO A CD  
79  N N   . GLY A 12 ? 0.0673 0.0630 0.0762 -0.0053 0.0100  0.0036  12   GLY A N   
80  C CA  . GLY A 12 ? 0.0644 0.0633 0.0894 -0.0039 0.0121  -0.0018 12   GLY A CA  
81  C C   . GLY A 12 ? 0.0588 0.0611 0.0836 -0.0161 0.0055  0.0047  12   GLY A C   
82  O O   . GLY A 12 ? 0.0801 0.0734 0.0982 -0.0274 0.0093  -0.0060 12   GLY A O   
83  N N   . TRP A 13 ? 0.0589 0.0552 0.0695 -0.0060 0.0072  0.0026  13   TRP A N   
84  C CA  . TRP A 13 ? 0.0465 0.0675 0.0767 -0.0026 0.0108  0.0073  13   TRP A CA  
85  C C   . TRP A 13 ? 0.0472 0.0599 0.0630 -0.0086 0.0035  0.0028  13   TRP A C   
86  O O   . TRP A 13 ? 0.0552 0.0697 0.0726 -0.0063 0.0106  -0.0076 13   TRP A O   
87  C CB  . TRP A 13 ? 0.0512 0.0647 0.0839 0.0013  0.0174  0.0061  13   TRP A CB  
88  C CG  . TRP A 13 ? 0.0534 0.0648 0.0774 0.0012  0.0152  0.0142  13   TRP A CG  
89  C CD1 . TRP A 13 ? 0.0872 0.0807 0.1063 0.0011  0.0415  0.0012  13   TRP A CD1 
90  C CD2 . TRP A 13 ? 0.0545 0.0699 0.0574 -0.0053 0.0074  -0.0007 13   TRP A CD2 
91  N NE1 . TRP A 13 ? 0.1003 0.0697 0.1086 0.0006  0.0438  0.0115  13   TRP A NE1 
92  C CE2 . TRP A 13 ? 0.0643 0.0693 0.0732 -0.0090 0.0161  -0.0004 13   TRP A CE2 
93  C CE3 . TRP A 13 ? 0.0626 0.0821 0.0827 0.0051  0.0156  0.0228  13   TRP A CE3 
94  C CZ2 . TRP A 13 ? 0.0590 0.0860 0.0709 -0.0117 0.0116  -0.0026 13   TRP A CZ2 
95  C CZ3 . TRP A 13 ? 0.0773 0.0910 0.0909 0.0247  0.0189  0.0238  13   TRP A CZ3 
96  C CH2 . TRP A 13 ? 0.0560 0.1066 0.0650 -0.0015 0.0032  0.0075  13   TRP A CH2 
97  N N   . ASN A 14 ? 0.0525 0.0640 0.0600 -0.0075 0.0116  0.0050  14   ASN A N   
98  C CA  . ASN A 14 ? 0.0519 0.0637 0.0498 -0.0110 0.0069  0.0033  14   ASN A CA  
99  C C   . ASN A 14 ? 0.0346 0.0677 0.0511 0.0044  0.0012  0.0047  14   ASN A C   
100 O O   . ASN A 14 ? 0.0510 0.0713 0.0423 -0.0030 0.0026  0.0051  14   ASN A O   
101 C CB  . ASN A 14 ? 0.0400 0.0813 0.0654 -0.0073 -0.0033 0.0001  14   ASN A CB  
102 C CG  . ASN A 14 ? 0.0666 0.0828 0.0835 -0.0190 -0.0193 0.0080  14   ASN A CG  
103 O OD1 . ASN A 14 ? 0.1221 0.0855 0.1138 -0.0196 -0.0498 0.0010  14   ASN A OD1 
104 N ND2 . ASN A 14 ? 0.1239 0.1034 0.1283 -0.0104 -0.0598 -0.0081 14   ASN A ND2 
105 N N   . THR A 15 ? 0.0443 0.0598 0.0432 -0.0067 0.0063  -0.0017 15   THR A N   
106 C CA  . THR A 15 ? 0.0430 0.0539 0.0371 -0.0025 0.0006  0.0001  15   THR A CA  
107 C C   . THR A 15 ? 0.0382 0.0573 0.0405 0.0022  0.0030  0.0014  15   THR A C   
108 O O   . THR A 15 ? 0.0445 0.0622 0.0378 -0.0015 -0.0031 -0.0002 15   THR A O   
109 C CB  . THR A 15 ? 0.0434 0.0615 0.0450 -0.0027 -0.0008 -0.0003 15   THR A CB  
110 O OG1 . THR A 15 ? 0.0556 0.0589 0.0540 -0.0094 -0.0061 0.0045  15   THR A OG1 
111 C CG2 . THR A 15 ? 0.0449 0.0627 0.0544 0.0000  0.0036  0.0044  15   THR A CG2 
112 N N   . PRO A 16 ? 0.0413 0.0585 0.0429 0.0036  0.0054  0.0012  16   PRO A N   
113 C CA  . PRO A 16 ? 0.0392 0.0631 0.0432 -0.0001 -0.0008 0.0057  16   PRO A CA  
114 C C   . PRO A 16 ? 0.0529 0.0482 0.0495 -0.0001 -0.0041 0.0087  16   PRO A C   
115 O O   . PRO A 16 ? 0.0591 0.0675 0.0459 0.0035  0.0024  0.0066  16   PRO A O   
116 C CB  . PRO A 16 ? 0.0534 0.0643 0.0661 -0.0004 0.0046  0.0051  16   PRO A CB  
117 C CG  . PRO A 16 ? 0.0536 0.0682 0.0855 0.0028  0.0150  0.0023  16   PRO A CG  
118 C CD  . PRO A 16 ? 0.0515 0.0616 0.0490 -0.0004 0.0058  -0.0083 16   PRO A CD  
119 N N   . TRP A 17 ? 0.0379 0.0621 0.0487 0.0037  0.0020  0.0030  17   TRP A N   
120 C CA  . TRP A 17 ? 0.0441 0.0639 0.0544 0.0014  -0.0019 0.0076  17   TRP A CA  
121 C C   . TRP A 17 ? 0.0434 0.0700 0.0601 0.0043  0.0009  0.0078  17   TRP A C   
122 O O   . TRP A 17 ? 0.0548 0.0920 0.0775 0.0033  0.0208  -0.0077 17   TRP A O   
123 C CB  . TRP A 17 ? 0.0527 0.0697 0.0631 0.0028  -0.0116 0.0035  17   TRP A CB  
124 C CG  . TRP A 17 ? 0.0503 0.0752 0.0608 0.0058  0.0015  -0.0055 17   TRP A CG  
125 C CD1 . TRP A 17 ? 0.0518 0.0997 0.0864 0.0067  0.0093  -0.0213 17   TRP A CD1 
126 C CD2 . TRP A 17 ? 0.0538 0.0751 0.0681 0.0047  -0.0080 -0.0032 17   TRP A CD2 
127 N NE1 . TRP A 17 ? 0.0696 0.1139 0.0878 0.0149  0.0036  -0.0318 17   TRP A NE1 
128 C CE2 . TRP A 17 ? 0.0628 0.0921 0.0797 0.0031  -0.0054 -0.0215 17   TRP A CE2 
129 C CE3 . TRP A 17 ? 0.0578 0.0983 0.0762 -0.0050 0.0054  -0.0112 17   TRP A CE3 
130 C CZ2 . TRP A 17 ? 0.0967 0.0987 0.1022 0.0010  0.0008  -0.0291 17   TRP A CZ2 
131 C CZ3 . TRP A 17 ? 0.0714 0.1212 0.1071 -0.0252 0.0069  -0.0311 17   TRP A CZ3 
132 C CH2 . TRP A 17 ? 0.0981 0.1223 0.0985 -0.0386 0.0141  -0.0350 17   TRP A CH2 
133 N N   . ALA A 18 ? 0.0487 0.0628 0.0494 0.0053  0.0052  0.0027  18   ALA A N   
134 C CA  . ALA A 18 ? 0.0572 0.0643 0.0516 0.0098  0.0020  0.0052  18   ALA A CA  
135 C C   . ALA A 18 ? 0.0595 0.0781 0.0493 0.0063  0.0073  -0.0034 18   ALA A C   
136 O O   . ALA A 18 ? 0.1190 0.0834 0.0566 0.0228  -0.0025 -0.0010 18   ALA A O   
137 C CB  . ALA A 18 ? 0.0744 0.0669 0.0644 -0.0033 0.0046  -0.0013 18   ALA A CB  
138 N N   . CYS A 19 ? 0.0621 0.0703 0.0486 0.0059  -0.0015 0.0051  19   CYS A N   
139 C CA  . CYS A 19 ? 0.0548 0.0747 0.0519 0.0004  -0.0009 0.0079  19   CYS A CA  
140 C C   . CYS A 19 ? 0.0740 0.0641 0.0535 -0.0008 -0.0006 0.0039  19   CYS A C   
141 O O   . CYS A 19 ? 0.1221 0.0850 0.0451 -0.0162 0.0148  -0.0013 19   CYS A O   
142 C CB  . CYS A 19 ? 0.0809 0.0811 0.0453 0.0113  0.0012  0.0103  19   CYS A CB  
143 S SG  . CYS A 19 ? 0.0687 0.0985 0.0639 0.0151  -0.0017 0.0027  19   CYS A SG  
144 O OXT . CYS A 19 ? 0.0684 0.0865 0.0596 -0.0074 0.0152  -0.0101 19   CYS A OXT 
145 O O   . HOH B .  ? 0.1081 0.0726 0.0821 -0.0172 0.0348  -0.0139 1001 HOH A O   
146 O O   . HOH B .  ? 0.0839 0.1118 0.0952 -0.0015 0.0084  -0.0066 1002 HOH A O   
147 O O   . HOH B .  ? 0.2074 0.1219 0.1170 -0.0520 -0.0325 -0.0001 1003 HOH A O   
148 O O   . HOH B .  ? 0.1267 0.1248 0.1649 0.0137  0.0309  -0.0203 1004 HOH A O   
149 O O   . HOH B .  ? 0.3537 0.1539 0.1935 -0.0763 0.0671  -0.0394 1005 HOH A O   
151 O O   . HOH B .  ? 0.1131 0.2096 0.1292 -0.0199 0.0263  -0.0270 1007 HOH A O   
152 O O   . HOH B .  ? 0.2574 0.1672 0.2504 0.0405  -0.0563 0.0238  1008 HOH A O   
154 O O   . HOH B .  ? 0.1866 0.1821 0.2415 0.0585  -0.0623 -0.0643 1010 HOH A O   
155 O O   . HOH B .  ? 0.3625 0.2593 0.1207 -0.0601 0.0117  0.0364  1011 HOH A O   
# 
